data_3IJH
#
_entry.id   3IJH
#
_cell.length_a   46.460
_cell.length_b   127.880
_cell.length_c   156.210
_cell.angle_alpha   90.000
_cell.angle_beta   90.000
_cell.angle_gamma   90.000
#
_symmetry.space_group_name_H-M   'P 21 21 21'
#
loop_
_entity.id
_entity.type
_entity.pdbx_description
1 polymer 'Immunoglobulin light chain (IGG3)'
2 polymer 'Immunoglobulin heavy chain (IGG3)'
3 non-polymer 'prop-2-en-1-yl D-glycero-alpha-D-talo-oct-2-ulopyranosidonic acid'
4 non-polymer 'MAGNESIUM ION'
5 water water
#
loop_
_entity_poly.entity_id
_entity_poly.type
_entity_poly.pdbx_seq_one_letter_code
_entity_poly.pdbx_strand_id
1 'polypeptide(L)'
;DIVMTQSPSSLAVSAGEKVTMSCKSSQSLLNSRTRKNYLAWYQQKPGQSPKLLIYWASTRESGVPDRFTGSGSGTDFTLT
ISSVQAEDLAVYYCKQSNNLRTFGGGTKLEIKRADAAPTVSIFPPSSEQLTSGGASVVCFLNNFYPKDINVKWKIDGSER
QNGVLNSWTDQDSKDSTYSMSSTLTLTKDEYERHNSYTCEATHKTSTSPIVKSFNRNEC
;
A,C
2 'polypeptide(L)'
;EVMLVESGGGLVQPGNSLRLSCATSGFTFTDYYMSWVRQPPGKALEWLGFIRNKAKGYTTEYSASVKGRFTISRDNSQSI
LYLQMNTLRAEDSATYYCARDISPSYGVYYEGFAYWGQGTLVTVSAATTTAPSVYPLVPGCSDTSGSSVTLGCLVKGYFP
EPVTVKWNYGALSSGVRTVSSVLQSGFYSLSSLVTVPSSTWPSQTVICNVAHPASKTELIKRIEPR
;
B,D
#
# COMPACT_ATOMS: atom_id res chain seq x y z
N ILE A 2 7.49 30.93 34.94
CA ILE A 2 8.73 31.51 34.42
C ILE A 2 8.67 31.60 32.90
N VAL A 3 8.98 32.78 32.37
CA VAL A 3 9.01 32.97 30.92
C VAL A 3 10.45 32.91 30.40
N MET A 4 10.65 32.11 29.36
CA MET A 4 11.96 31.95 28.77
C MET A 4 11.99 32.64 27.41
N THR A 5 13.08 33.33 27.12
CA THR A 5 13.20 34.05 25.86
C THR A 5 14.59 33.87 25.26
N GLN A 6 14.62 33.55 23.97
CA GLN A 6 15.90 33.32 23.31
C GLN A 6 16.17 34.33 22.20
N SER A 7 17.45 34.51 21.91
CA SER A 7 17.86 35.46 20.87
C SER A 7 19.21 35.01 20.32
N PRO A 8 19.39 35.15 18.99
CA PRO A 8 18.45 35.61 17.98
C PRO A 8 17.48 34.51 17.59
N SER A 9 16.43 34.83 16.83
CA SER A 9 15.50 33.82 16.33
C SER A 9 16.21 32.89 15.34
N SER A 10 17.15 33.44 14.59
CA SER A 10 18.02 32.64 13.73
C SER A 10 19.25 33.45 13.35
N LEU A 11 20.28 32.77 12.87
CA LEU A 11 21.44 33.45 12.33
C LEU A 11 22.20 32.49 11.43
N ALA A 12 22.98 33.05 10.52
CA ALA A 12 23.77 32.23 9.61
C ALA A 12 25.25 32.61 9.72
N VAL A 13 26.10 31.61 9.85
CA VAL A 13 27.55 31.83 9.87
C VAL A 13 28.26 30.82 8.97
N SER A 14 29.48 31.15 8.56
CA SER A 14 30.27 30.24 7.74
C SER A 14 30.91 29.18 8.65
N ALA A 15 31.17 28.00 8.11
CA ALA A 15 31.84 26.94 8.85
C ALA A 15 33.15 27.46 9.41
N GLY A 16 33.46 27.07 10.65
CA GLY A 16 34.70 27.46 11.28
C GLY A 16 34.54 28.68 12.15
N GLU A 17 33.42 29.37 11.99
CA GLU A 17 33.17 30.60 12.75
C GLU A 17 32.56 30.32 14.13
N LYS A 18 32.78 31.25 15.05
CA LYS A 18 32.23 31.18 16.40
C LYS A 18 30.81 31.72 16.42
N VAL A 19 29.95 31.14 17.25
CA VAL A 19 28.60 31.64 17.40
C VAL A 19 28.17 31.69 18.87
N THR A 20 27.39 32.71 19.21
CA THR A 20 26.86 32.91 20.55
C THR A 20 25.33 33.05 20.49
N MET A 21 24.62 32.29 21.33
CA MET A 21 23.16 32.39 21.43
C MET A 21 22.78 32.72 22.86
N SER A 22 21.71 33.47 23.02
CA SER A 22 21.31 33.93 24.35
C SER A 22 19.99 33.36 24.82
N CYS A 23 19.85 33.24 26.13
CA CYS A 23 18.64 32.74 26.74
C CYS A 23 18.41 33.49 28.04
N LYS A 24 17.24 34.10 28.18
CA LYS A 24 16.91 34.83 29.39
C LYS A 24 15.64 34.31 30.04
N SER A 25 15.64 34.27 31.37
CA SER A 25 14.48 33.85 32.14
C SER A 25 13.96 35.03 32.94
N SER A 26 12.66 35.01 33.24
CA SER A 26 12.03 36.06 34.04
C SER A 26 12.31 35.92 35.55
N GLN A 27 12.71 34.74 35.99
CA GLN A 27 13.14 34.52 37.38
C GLN A 27 14.49 33.84 37.41
N SER A 28 15.21 34.00 38.52
CA SER A 28 16.48 33.30 38.69
C SER A 28 16.26 31.80 38.63
N LEU A 29 17.18 31.10 37.98
CA LEU A 29 17.12 29.64 37.87
C LEU A 29 18.09 28.98 38.85
N LEU A 30 18.75 29.79 39.66
CA LEU A 30 19.68 29.31 40.67
C LEU A 30 18.92 28.73 41.85
N ASN A 31 18.99 27.41 42.01
CA ASN A 31 18.39 26.74 43.16
C ASN A 31 19.33 26.84 44.37
N SER A 32 18.87 27.52 45.42
CA SER A 32 19.70 27.79 46.60
C SER A 32 20.08 26.51 47.34
N ARG A 33 19.22 25.50 47.23
CA ARG A 33 19.45 24.23 47.91
C ARG A 33 20.60 23.45 47.28
N THR A 34 20.58 23.32 45.95
CA THR A 34 21.62 22.58 45.25
C THR A 34 22.77 23.47 44.78
N ARG A 35 22.54 24.78 44.80
CA ARG A 35 23.51 25.75 44.31
C ARG A 35 23.88 25.53 42.84
N LYS A 36 22.88 25.21 42.03
CA LYS A 36 23.09 25.04 40.60
C LYS A 36 22.00 25.79 39.83
N ASN A 37 22.37 26.25 38.63
CA ASN A 37 21.40 26.85 37.72
C ASN A 37 20.68 25.77 36.92
N TYR A 38 19.36 25.70 37.07
CA TYR A 38 18.55 24.70 36.41
C TYR A 38 18.17 25.13 34.99
N LEU A 39 19.17 25.18 34.12
CA LEU A 39 18.97 25.55 32.74
C LEU A 39 19.68 24.58 31.81
N ALA A 40 18.96 24.09 30.80
CA ALA A 40 19.51 23.11 29.87
C ALA A 40 19.42 23.61 28.44
N TRP A 41 20.36 23.15 27.62
CA TRP A 41 20.37 23.44 26.19
C TRP A 41 20.14 22.16 25.40
N TYR A 42 19.20 22.21 24.47
CA TYR A 42 18.91 21.06 23.61
C TYR A 42 19.16 21.39 22.15
N GLN A 43 19.63 20.40 21.41
CA GLN A 43 19.82 20.55 19.98
C GLN A 43 18.78 19.70 19.24
N GLN A 44 18.07 20.31 18.30
CA GLN A 44 17.09 19.55 17.51
C GLN A 44 17.33 19.73 16.02
N LYS A 45 17.84 18.68 15.39
CA LYS A 45 18.05 18.67 13.95
C LYS A 45 16.74 18.36 13.25
N PRO A 46 16.58 18.85 12.02
CA PRO A 46 15.36 18.65 11.22
C PRO A 46 14.91 17.19 11.20
N GLY A 47 13.64 16.95 11.50
CA GLY A 47 13.10 15.60 11.46
C GLY A 47 13.48 14.72 12.64
N GLN A 48 14.25 15.26 13.57
CA GLN A 48 14.72 14.48 14.71
C GLN A 48 14.15 14.97 16.03
N SER A 49 14.25 14.12 17.06
CA SER A 49 13.90 14.52 18.42
C SER A 49 15.02 15.40 18.97
N PRO A 50 14.70 16.26 19.95
CA PRO A 50 15.73 17.09 20.57
C PRO A 50 16.75 16.24 21.33
N LYS A 51 17.96 16.76 21.45
CA LYS A 51 19.05 16.06 22.14
C LYS A 51 19.72 16.99 23.15
N LEU A 52 19.85 16.51 24.38
CA LEU A 52 20.46 17.30 25.45
C LEU A 52 21.95 17.54 25.19
N LEU A 53 22.36 18.81 25.21
CA LEU A 53 23.77 19.15 25.03
C LEU A 53 24.42 19.59 26.34
N ILE A 54 23.74 20.50 27.05
CA ILE A 54 24.27 21.12 28.26
C ILE A 54 23.22 21.10 29.36
N TYR A 55 23.63 20.80 30.58
CA TYR A 55 22.73 20.91 31.73
C TYR A 55 23.41 21.63 32.89
N TRP A 56 22.62 22.08 33.86
CA TRP A 56 23.13 22.89 34.96
C TRP A 56 23.93 24.08 34.41
N ALA A 57 23.41 24.65 33.32
CA ALA A 57 23.96 25.84 32.68
C ALA A 57 25.30 25.62 31.96
N SER A 58 26.17 24.79 32.52
CA SER A 58 27.54 24.74 32.00
C SER A 58 28.16 23.34 31.88
N THR A 59 27.44 22.30 32.28
CA THR A 59 27.99 20.95 32.20
C THR A 59 27.59 20.25 30.90
N ARG A 60 28.57 19.65 30.23
CA ARG A 60 28.36 18.99 28.95
C ARG A 60 27.92 17.53 29.12
N GLU A 61 26.84 17.15 28.43
CA GLU A 61 26.34 15.77 28.44
C GLU A 61 27.32 14.81 27.76
N SER A 62 27.24 13.53 28.11
CA SER A 62 28.11 12.50 27.54
C SER A 62 28.10 12.53 26.00
N GLY A 63 29.29 12.54 25.41
CA GLY A 63 29.42 12.50 23.95
C GLY A 63 29.48 13.84 23.24
N VAL A 64 28.97 14.90 23.89
CA VAL A 64 28.96 16.22 23.27
C VAL A 64 30.36 16.82 23.20
N PRO A 65 30.77 17.29 22.02
CA PRO A 65 32.12 17.82 21.78
C PRO A 65 32.47 19.10 22.55
N ASP A 66 33.77 19.28 22.77
CA ASP A 66 34.41 20.47 23.35
C ASP A 66 33.82 21.77 22.87
N ARG A 67 33.44 21.76 21.60
CA ARG A 67 33.08 22.97 20.87
C ARG A 67 31.86 23.66 21.47
N PHE A 68 31.06 22.91 22.21
CA PHE A 68 29.86 23.47 22.85
C PHE A 68 30.14 23.89 24.28
N THR A 69 29.91 25.16 24.59
CA THR A 69 30.09 25.65 25.95
C THR A 69 28.88 26.42 26.45
N GLY A 70 28.32 25.97 27.57
CA GLY A 70 27.24 26.68 28.23
C GLY A 70 27.78 27.58 29.32
N SER A 71 27.19 28.76 29.48
CA SER A 71 27.64 29.66 30.54
C SER A 71 26.49 30.54 31.03
N GLY A 72 26.73 31.23 32.14
CA GLY A 72 25.77 32.16 32.70
C GLY A 72 25.27 31.73 34.06
N SER A 73 24.51 32.60 34.71
CA SER A 73 24.00 32.32 36.03
C SER A 73 22.85 33.27 36.34
N GLY A 74 21.85 32.79 37.08
CA GLY A 74 20.74 33.63 37.46
C GLY A 74 19.66 33.70 36.40
N THR A 75 19.70 34.76 35.58
CA THR A 75 18.68 34.98 34.57
C THR A 75 19.23 35.08 33.14
N ASP A 76 20.55 35.28 33.02
CA ASP A 76 21.20 35.42 31.71
C ASP A 76 22.08 34.22 31.40
N PHE A 77 21.79 33.54 30.30
CA PHE A 77 22.57 32.37 29.91
C PHE A 77 22.98 32.42 28.44
N THR A 78 24.05 31.70 28.12
CA THR A 78 24.59 31.70 26.78
C THR A 78 25.07 30.32 26.36
N LEU A 79 24.84 30.00 25.09
CA LEU A 79 25.42 28.82 24.48
C LEU A 79 26.40 29.28 23.41
N THR A 80 27.67 28.91 23.55
CA THR A 80 28.69 29.27 22.58
C THR A 80 29.12 28.04 21.81
N ILE A 81 29.23 28.18 20.49
CA ILE A 81 29.85 27.14 19.67
C ILE A 81 31.16 27.72 19.13
N SER A 82 32.28 27.15 19.57
CA SER A 82 33.60 27.73 19.28
C SER A 82 33.91 27.74 17.80
N SER A 83 33.48 26.69 17.11
CA SER A 83 33.71 26.57 15.68
C SER A 83 32.59 25.73 15.09
N VAL A 84 31.68 26.37 14.36
CA VAL A 84 30.53 25.66 13.85
C VAL A 84 30.87 24.81 12.64
N GLN A 85 30.23 23.66 12.54
CA GLN A 85 30.46 22.75 11.43
C GLN A 85 29.13 22.33 10.80
N ALA A 86 29.24 21.56 9.72
CA ALA A 86 28.09 21.25 8.90
C ALA A 86 26.99 20.49 9.65
N GLU A 87 27.38 19.68 10.64
CA GLU A 87 26.43 18.89 11.44
C GLU A 87 25.63 19.72 12.43
N ASP A 88 25.99 20.99 12.58
CA ASP A 88 25.39 21.83 13.62
C ASP A 88 24.06 22.46 13.19
N LEU A 89 23.71 22.31 11.91
CA LEU A 89 22.41 22.75 11.41
C LEU A 89 21.31 22.22 12.31
N ALA A 90 20.57 23.13 12.95
CA ALA A 90 19.59 22.76 13.96
C ALA A 90 18.98 23.97 14.66
N VAL A 91 17.89 23.73 15.38
CA VAL A 91 17.34 24.73 16.28
C VAL A 91 17.79 24.39 17.70
N TYR A 92 18.28 25.41 18.42
CA TYR A 92 18.78 25.22 19.77
C TYR A 92 17.80 25.81 20.79
N TYR A 93 17.37 24.99 21.73
CA TYR A 93 16.41 25.44 22.74
C TYR A 93 17.01 25.44 24.13
N CYS A 94 16.78 26.52 24.87
CA CYS A 94 17.12 26.49 26.30
C CYS A 94 15.86 26.09 27.07
N LYS A 95 16.06 25.56 28.26
CA LYS A 95 14.94 25.05 29.06
C LYS A 95 15.23 25.17 30.54
N GLN A 96 14.41 25.95 31.26
CA GLN A 96 14.54 26.06 32.71
C GLN A 96 13.81 24.89 33.35
N SER A 97 14.35 24.41 34.48
CA SER A 97 13.69 23.36 35.24
C SER A 97 13.71 23.65 36.75
N ASN A 98 13.89 24.92 37.12
CA ASN A 98 13.88 25.30 38.53
C ASN A 98 12.46 25.37 39.11
N ASN A 99 11.48 25.62 38.24
CA ASN A 99 10.06 25.65 38.64
C ASN A 99 9.25 24.99 37.54
N LEU A 100 8.92 23.71 37.73
CA LEU A 100 8.43 22.90 36.62
C LEU A 100 9.43 23.04 35.47
N ARG A 101 8.94 23.11 34.23
CA ARG A 101 9.84 23.28 33.08
C ARG A 101 9.29 24.27 32.06
N THR A 102 10.17 25.03 31.42
CA THR A 102 9.77 25.92 30.34
C THR A 102 10.84 26.02 29.26
N PHE A 103 10.44 25.84 28.01
CA PHE A 103 11.35 25.97 26.88
C PHE A 103 11.36 27.40 26.34
N GLY A 104 12.53 27.87 25.94
CA GLY A 104 12.63 29.11 25.19
C GLY A 104 12.08 28.91 23.80
N GLY A 105 12.04 29.97 23.01
CA GLY A 105 11.48 29.92 21.66
C GLY A 105 12.43 29.35 20.61
N GLY A 106 13.70 29.21 20.97
CA GLY A 106 14.66 28.57 20.08
C GLY A 106 15.45 29.50 19.18
N THR A 107 16.66 29.07 18.83
CA THR A 107 17.51 29.77 17.87
C THR A 107 17.87 28.81 16.75
N LYS A 108 17.51 29.18 15.52
CA LYS A 108 17.87 28.35 14.38
C LYS A 108 19.26 28.72 13.87
N LEU A 109 20.14 27.73 13.83
CA LEU A 109 21.49 27.94 13.33
C LEU A 109 21.58 27.50 11.87
N GLU A 110 21.91 28.44 11.00
CA GLU A 110 22.04 28.16 9.59
C GLU A 110 23.49 28.36 9.18
N ILE A 111 23.89 27.76 8.07
CA ILE A 111 25.28 27.90 7.60
C ILE A 111 25.39 28.66 6.28
N LYS A 112 26.30 29.62 6.25
CA LYS A 112 26.70 30.30 5.03
C LYS A 112 27.81 29.50 4.36
N ARG A 113 27.74 29.38 3.04
CA ARG A 113 28.76 28.67 2.28
C ARG A 113 28.90 29.31 0.89
N ALA A 114 29.89 28.85 0.13
CA ALA A 114 30.14 29.43 -1.19
C ALA A 114 28.95 29.20 -2.11
N ASP A 115 28.68 30.17 -2.98
CA ASP A 115 27.57 30.05 -3.91
C ASP A 115 27.77 28.83 -4.79
N ALA A 116 26.69 28.13 -5.11
CA ALA A 116 26.76 26.95 -5.97
C ALA A 116 25.55 26.86 -6.88
N ALA A 117 25.81 26.60 -8.15
CA ALA A 117 24.74 26.48 -9.15
C ALA A 117 23.99 25.16 -8.99
N PRO A 118 22.68 25.18 -9.27
CA PRO A 118 21.88 23.96 -9.17
C PRO A 118 22.10 23.05 -10.38
N THR A 119 21.95 21.74 -10.17
CA THR A 119 21.85 20.80 -11.29
C THR A 119 20.36 20.58 -11.54
N VAL A 120 19.92 20.80 -12.77
CA VAL A 120 18.50 20.82 -13.09
C VAL A 120 18.03 19.61 -13.89
N SER A 121 16.96 18.98 -13.43
CA SER A 121 16.35 17.83 -14.11
C SER A 121 14.86 18.06 -14.30
N ILE A 122 14.33 17.61 -15.43
CA ILE A 122 12.89 17.67 -15.68
C ILE A 122 12.33 16.27 -15.83
N PHE A 123 11.14 16.05 -15.29
CA PHE A 123 10.53 14.73 -15.31
C PHE A 123 9.12 14.78 -15.88
N PRO A 124 8.91 14.16 -17.05
CA PRO A 124 7.55 14.01 -17.58
C PRO A 124 6.71 13.17 -16.62
N PRO A 125 5.37 13.23 -16.75
CA PRO A 125 4.47 12.46 -15.88
C PRO A 125 4.65 10.96 -16.11
N SER A 126 4.36 10.16 -15.09
CA SER A 126 4.39 8.71 -15.22
C SER A 126 3.10 8.23 -15.87
N SER A 127 3.14 7.03 -16.43
CA SER A 127 1.94 6.47 -17.05
C SER A 127 0.87 6.12 -16.02
N GLU A 128 1.29 5.76 -14.81
CA GLU A 128 0.31 5.41 -13.78
C GLU A 128 -0.48 6.62 -13.28
N GLN A 129 0.12 7.80 -13.32
CA GLN A 129 -0.64 9.03 -13.01
C GLN A 129 -1.56 9.39 -14.18
N LEU A 130 -1.02 9.34 -15.39
CA LEU A 130 -1.79 9.67 -16.59
C LEU A 130 -2.99 8.76 -16.71
N THR A 131 -2.80 7.48 -16.39
CA THR A 131 -3.87 6.51 -16.37
C THR A 131 -5.01 6.95 -15.44
N SER A 132 -4.66 7.59 -14.33
CA SER A 132 -5.67 8.06 -13.38
C SER A 132 -6.20 9.45 -13.75
N GLY A 133 -5.71 10.03 -14.84
CA GLY A 133 -6.23 11.29 -15.34
C GLY A 133 -5.51 12.55 -14.88
N GLY A 134 -4.29 12.39 -14.37
CA GLY A 134 -3.51 13.53 -13.93
C GLY A 134 -2.15 13.58 -14.61
N ALA A 135 -1.58 14.78 -14.71
CA ALA A 135 -0.27 14.95 -15.32
C ALA A 135 0.58 15.94 -14.53
N SER A 136 1.45 15.42 -13.68
CA SER A 136 2.38 16.26 -12.94
C SER A 136 3.73 16.32 -13.64
N VAL A 137 4.19 17.53 -13.91
CA VAL A 137 5.51 17.72 -14.49
C VAL A 137 6.42 18.31 -13.42
N VAL A 138 7.58 17.69 -13.20
CA VAL A 138 8.45 18.12 -12.11
C VAL A 138 9.81 18.63 -12.58
N CYS A 139 10.13 19.84 -12.13
CA CYS A 139 11.45 20.39 -12.33
C CYS A 139 12.24 20.32 -11.01
N PHE A 140 13.35 19.58 -11.02
CA PHE A 140 14.15 19.40 -9.80
C PHE A 140 15.50 20.13 -9.89
N LEU A 141 15.72 21.00 -8.92
CA LEU A 141 16.96 21.79 -8.84
C LEU A 141 17.77 21.32 -7.63
N ASN A 142 18.94 20.75 -7.89
CA ASN A 142 19.66 19.99 -6.88
C ASN A 142 20.97 20.64 -6.44
N ASN A 143 21.14 20.77 -5.12
CA ASN A 143 22.43 21.14 -4.53
C ASN A 143 22.91 22.54 -4.90
N PHE A 144 22.07 23.55 -4.62
CA PHE A 144 22.43 24.92 -4.91
C PHE A 144 22.54 25.78 -3.65
N TYR A 145 23.15 26.94 -3.80
CA TYR A 145 23.22 27.93 -2.74
C TYR A 145 23.56 29.28 -3.36
N PRO A 146 22.89 30.35 -2.90
CA PRO A 146 21.96 30.41 -1.77
C PRO A 146 20.55 29.92 -2.08
N LYS A 147 19.69 30.03 -1.07
CA LYS A 147 18.37 29.38 -1.09
C LYS A 147 17.40 29.97 -2.12
N ASP A 148 17.38 31.29 -2.22
CA ASP A 148 16.46 31.93 -3.15
C ASP A 148 16.79 31.54 -4.60
N ILE A 149 15.77 31.12 -5.33
CA ILE A 149 15.95 30.66 -6.70
C ILE A 149 14.58 30.68 -7.38
N ASN A 150 14.57 30.89 -8.69
CA ASN A 150 13.29 31.03 -9.40
C ASN A 150 13.13 30.10 -10.59
N VAL A 151 11.96 29.53 -10.73
CA VAL A 151 11.67 28.64 -11.85
C VAL A 151 10.52 29.20 -12.66
N LYS A 152 10.76 29.36 -13.96
CA LYS A 152 9.69 29.74 -14.89
C LYS A 152 9.30 28.54 -15.74
N TRP A 153 8.00 28.30 -15.84
CA TRP A 153 7.49 27.22 -16.67
C TRP A 153 6.99 27.75 -18.00
N LYS A 154 7.29 27.03 -19.08
CA LYS A 154 6.77 27.38 -20.39
C LYS A 154 6.13 26.17 -21.06
N ILE A 155 4.93 26.36 -21.59
CA ILE A 155 4.28 25.32 -22.39
C ILE A 155 4.15 25.82 -23.81
N ASP A 156 4.72 25.07 -24.75
CA ASP A 156 4.68 25.44 -26.16
C ASP A 156 5.15 26.88 -26.33
N GLY A 157 6.08 27.31 -25.47
CA GLY A 157 6.69 28.62 -25.59
C GLY A 157 6.05 29.71 -24.77
N SER A 158 4.87 29.45 -24.22
CA SER A 158 4.15 30.44 -23.42
C SER A 158 4.30 30.16 -21.93
N GLU A 159 4.55 31.21 -21.15
CA GLU A 159 4.74 31.08 -19.71
C GLU A 159 3.46 30.61 -19.00
N ARG A 160 3.65 29.78 -17.97
CA ARG A 160 2.53 29.16 -17.27
C ARG A 160 2.73 29.38 -15.77
N GLN A 161 1.76 30.00 -15.11
CA GLN A 161 1.91 30.33 -13.70
C GLN A 161 1.01 29.53 -12.77
N ASN A 162 -0.20 29.24 -13.24
CA ASN A 162 -1.16 28.47 -12.45
C ASN A 162 -0.84 26.98 -12.44
N GLY A 163 -1.10 26.32 -11.30
CA GLY A 163 -0.87 24.90 -11.17
C GLY A 163 0.52 24.53 -10.72
N VAL A 164 1.33 25.55 -10.40
CA VAL A 164 2.71 25.34 -9.97
C VAL A 164 2.86 25.40 -8.45
N LEU A 165 3.53 24.39 -7.89
CA LEU A 165 3.86 24.38 -6.46
C LEU A 165 5.38 24.23 -6.28
N ASN A 166 5.94 25.05 -5.39
CA ASN A 166 7.39 25.01 -5.11
C ASN A 166 7.68 24.62 -3.67
N SER A 167 8.70 23.78 -3.49
CA SER A 167 9.08 23.32 -2.15
C SER A 167 10.58 23.05 -2.04
N TRP A 168 11.17 23.50 -0.93
CA TRP A 168 12.61 23.36 -0.70
C TRP A 168 12.89 22.26 0.31
N THR A 169 14.11 21.73 0.27
CA THR A 169 14.59 20.83 1.30
C THR A 169 15.07 21.69 2.46
N ASP A 170 15.44 21.04 3.56
CA ASP A 170 16.19 21.73 4.59
C ASP A 170 17.64 21.83 4.13
N GLN A 171 18.38 22.75 4.71
CA GLN A 171 19.80 22.85 4.38
C GLN A 171 20.46 21.49 4.62
N ASP A 172 21.28 21.05 3.68
CA ASP A 172 21.88 19.72 3.77
C ASP A 172 22.91 19.64 4.89
N SER A 173 22.86 18.56 5.66
CA SER A 173 23.73 18.41 6.81
C SER A 173 25.18 18.13 6.44
N LYS A 174 25.42 17.81 5.18
CA LYS A 174 26.78 17.44 4.75
C LYS A 174 27.50 18.55 4.00
N ASP A 175 26.81 19.24 3.10
CA ASP A 175 27.45 20.28 2.29
C ASP A 175 26.75 21.64 2.36
N SER A 176 25.69 21.73 3.14
CA SER A 176 25.03 23.00 3.40
C SER A 176 24.30 23.59 2.20
N THR A 177 24.04 22.77 1.18
CA THR A 177 23.27 23.24 0.02
C THR A 177 21.77 23.01 0.19
N TYR A 178 21.00 23.59 -0.72
CA TYR A 178 19.56 23.33 -0.79
C TYR A 178 19.24 22.61 -2.09
N SER A 179 18.07 21.97 -2.10
CA SER A 179 17.48 21.51 -3.33
C SER A 179 16.02 21.93 -3.27
N MET A 180 15.36 21.96 -4.43
CA MET A 180 13.95 22.31 -4.47
C MET A 180 13.28 21.68 -5.67
N SER A 181 11.98 21.42 -5.55
CA SER A 181 11.22 20.90 -6.66
C SER A 181 10.17 21.93 -7.04
N SER A 182 9.93 22.05 -8.33
CA SER A 182 8.85 22.89 -8.84
C SER A 182 7.93 21.97 -9.63
N THR A 183 6.69 21.84 -9.18
CA THR A 183 5.77 20.91 -9.81
C THR A 183 4.58 21.62 -10.48
N LEU A 184 4.43 21.38 -11.78
CA LEU A 184 3.28 21.86 -12.54
C LEU A 184 2.29 20.71 -12.68
N THR A 185 1.11 20.86 -12.09
CA THR A 185 0.11 19.80 -12.14
C THR A 185 -1.04 20.14 -13.08
N LEU A 186 -1.18 19.34 -14.15
CA LEU A 186 -2.28 19.51 -15.08
C LEU A 186 -3.17 18.28 -15.06
N THR A 187 -4.32 18.36 -15.73
CA THR A 187 -5.11 17.19 -16.01
C THR A 187 -4.49 16.50 -17.22
N LYS A 188 -4.80 15.23 -17.42
CA LYS A 188 -4.29 14.50 -18.57
C LYS A 188 -4.67 15.18 -19.87
N ASP A 189 -5.90 15.69 -19.94
CA ASP A 189 -6.38 16.37 -21.14
C ASP A 189 -5.60 17.66 -21.39
N GLU A 190 -5.42 18.45 -20.34
CA GLU A 190 -4.60 19.66 -20.42
C GLU A 190 -3.22 19.32 -20.99
N TYR A 191 -2.60 18.31 -20.40
CA TYR A 191 -1.28 17.86 -20.80
C TYR A 191 -1.19 17.45 -22.27
N GLU A 192 -2.18 16.69 -22.74
CA GLU A 192 -2.15 16.16 -24.10
C GLU A 192 -2.52 17.20 -25.17
N ARG A 193 -2.85 18.41 -24.74
CA ARG A 193 -3.20 19.47 -25.67
C ARG A 193 -1.98 20.27 -26.13
N HIS A 194 -0.83 20.00 -25.51
CA HIS A 194 0.39 20.72 -25.83
C HIS A 194 1.56 19.76 -26.01
N ASN A 195 2.67 20.25 -26.55
CA ASN A 195 3.80 19.39 -26.82
C ASN A 195 5.07 19.70 -26.00
N SER A 196 5.53 20.93 -26.11
CA SER A 196 6.78 21.34 -25.48
C SER A 196 6.60 21.75 -24.01
N TYR A 197 7.38 21.15 -23.12
CA TYR A 197 7.35 21.51 -21.71
C TYR A 197 8.72 21.96 -21.23
N THR A 198 8.81 23.21 -20.76
CA THR A 198 10.09 23.80 -20.39
C THR A 198 10.08 24.40 -19.00
N CYS A 199 11.17 24.19 -18.26
CA CYS A 199 11.36 24.91 -17.01
C CYS A 199 12.72 25.58 -17.02
N GLU A 200 12.75 26.83 -16.57
CA GLU A 200 13.97 27.61 -16.58
C GLU A 200 14.31 28.02 -15.16
N ALA A 201 15.50 27.61 -14.72
CA ALA A 201 15.96 27.92 -13.37
C ALA A 201 16.86 29.16 -13.37
N THR A 202 16.44 30.18 -12.62
CA THR A 202 17.23 31.41 -12.50
C THR A 202 17.79 31.56 -11.09
N HIS A 203 19.09 31.81 -11.01
CA HIS A 203 19.82 31.80 -9.73
C HIS A 203 21.00 32.75 -9.85
N LYS A 204 21.47 33.28 -8.72
CA LYS A 204 22.52 34.30 -8.77
C LYS A 204 23.82 33.78 -9.37
N THR A 205 23.93 32.46 -9.52
CA THR A 205 25.13 31.86 -10.07
C THR A 205 25.32 32.13 -11.57
N SER A 206 24.33 32.76 -12.19
CA SER A 206 24.46 33.17 -13.59
C SER A 206 23.35 34.11 -14.07
N THR A 207 23.68 34.94 -15.05
CA THR A 207 22.73 35.84 -15.66
C THR A 207 21.71 35.04 -16.44
N SER A 208 22.21 34.03 -17.14
CA SER A 208 21.39 33.18 -18.00
C SER A 208 20.79 32.02 -17.23
N PRO A 209 19.49 31.77 -17.42
CA PRO A 209 18.78 30.67 -16.76
C PRO A 209 19.26 29.32 -17.26
N ILE A 210 19.21 28.30 -16.41
CA ILE A 210 19.44 26.94 -16.86
C ILE A 210 18.13 26.37 -17.38
N VAL A 211 18.12 25.95 -18.63
CA VAL A 211 16.88 25.53 -19.29
C VAL A 211 16.85 24.02 -19.54
N LYS A 212 15.77 23.38 -19.11
CA LYS A 212 15.56 21.97 -19.37
C LYS A 212 14.17 21.77 -19.98
N SER A 213 14.09 20.90 -20.99
CA SER A 213 12.87 20.74 -21.76
C SER A 213 12.65 19.31 -22.20
N PHE A 214 11.40 19.02 -22.58
CA PHE A 214 11.09 17.76 -23.25
C PHE A 214 9.82 17.93 -24.08
N ASN A 215 9.62 17.01 -25.02
CA ASN A 215 8.44 17.03 -25.88
C ASN A 215 7.56 15.81 -25.62
N ARG A 216 6.28 16.05 -25.40
CA ARG A 216 5.35 15.00 -25.02
C ARG A 216 5.36 13.81 -25.97
N ASN A 217 5.60 14.10 -27.25
CA ASN A 217 5.57 13.07 -28.27
C ASN A 217 6.93 12.40 -28.46
N GLU A 218 7.56 12.01 -27.36
CA GLU A 218 8.85 11.32 -27.45
C GLU A 218 8.93 10.23 -26.40
N GLU B 1 19.79 -0.66 27.06
CA GLU B 1 19.40 0.34 26.07
C GLU B 1 18.07 0.99 26.42
N VAL B 2 18.11 2.28 26.72
CA VAL B 2 16.89 3.00 27.05
C VAL B 2 16.01 3.22 25.82
N MET B 3 14.73 2.87 25.95
CA MET B 3 13.78 3.01 24.86
C MET B 3 12.54 3.79 25.28
N LEU B 4 12.15 4.76 24.46
CA LEU B 4 10.91 5.50 24.63
C LEU B 4 10.18 5.50 23.29
N VAL B 5 8.94 5.01 23.27
CA VAL B 5 8.20 4.95 22.01
C VAL B 5 6.76 5.44 22.18
N GLU B 6 6.44 6.53 21.48
CA GLU B 6 5.09 7.08 21.55
C GLU B 6 4.16 6.39 20.53
N SER B 7 2.89 6.26 20.90
CA SER B 7 1.87 5.74 19.98
C SER B 7 0.55 6.47 20.18
N GLY B 8 -0.36 6.33 19.21
CA GLY B 8 -1.69 6.90 19.32
C GLY B 8 -1.92 8.13 18.46
N GLY B 9 -0.85 8.62 17.83
CA GLY B 9 -0.96 9.77 16.95
C GLY B 9 -1.83 9.50 15.74
N GLY B 10 -2.17 10.56 15.02
CA GLY B 10 -2.97 10.45 13.82
C GLY B 10 -3.97 11.59 13.70
N LEU B 11 -5.05 11.34 12.99
CA LEU B 11 -6.08 12.37 12.79
C LEU B 11 -7.18 12.24 13.83
N VAL B 12 -7.55 13.36 14.44
CA VAL B 12 -8.67 13.40 15.36
C VAL B 12 -9.56 14.61 15.04
N GLN B 13 -10.87 14.40 15.09
CA GLN B 13 -11.83 15.44 14.78
C GLN B 13 -11.84 16.50 15.88
N PRO B 14 -12.10 17.77 15.51
CA PRO B 14 -12.16 18.87 16.49
C PRO B 14 -13.24 18.60 17.53
N GLY B 15 -12.95 18.90 18.79
CA GLY B 15 -13.92 18.66 19.86
C GLY B 15 -13.73 17.32 20.52
N ASN B 16 -13.12 16.38 19.80
CA ASN B 16 -12.90 15.04 20.31
C ASN B 16 -11.70 14.91 21.25
N SER B 17 -11.51 13.71 21.79
CA SER B 17 -10.42 13.43 22.71
C SER B 17 -9.47 12.36 22.16
N LEU B 18 -8.32 12.19 22.80
CA LEU B 18 -7.31 11.24 22.35
C LEU B 18 -6.37 10.89 23.49
N ARG B 19 -6.02 9.61 23.59
CA ARG B 19 -5.05 9.18 24.58
C ARG B 19 -3.75 8.74 23.90
N LEU B 20 -2.64 9.31 24.34
CA LEU B 20 -1.33 8.91 23.83
C LEU B 20 -0.67 7.98 24.83
N SER B 21 0.16 7.08 24.32
CA SER B 21 0.92 6.19 25.17
C SER B 21 2.41 6.31 24.85
N CYS B 22 3.23 5.97 25.84
CA CYS B 22 4.68 6.06 25.70
C CYS B 22 5.30 4.85 26.38
N ALA B 23 5.63 3.83 25.59
CA ALA B 23 6.18 2.59 26.12
C ALA B 23 7.67 2.75 26.40
N THR B 24 8.10 2.28 27.57
CA THR B 24 9.51 2.42 27.94
C THR B 24 10.17 1.09 28.31
N SER B 25 11.50 1.08 28.31
CA SER B 25 12.29 -0.06 28.76
C SER B 25 13.75 0.36 28.86
N GLY B 26 14.55 -0.40 29.60
CA GLY B 26 15.98 -0.13 29.67
C GLY B 26 16.38 0.72 30.85
N PHE B 27 15.43 0.98 31.74
CA PHE B 27 15.71 1.69 32.99
C PHE B 27 14.62 1.39 34.01
N THR B 28 14.88 1.70 35.28
CA THR B 28 13.87 1.53 36.33
C THR B 28 12.83 2.63 36.23
N PHE B 29 11.74 2.32 35.53
CA PHE B 29 10.66 3.28 35.27
C PHE B 29 10.27 4.12 36.49
N THR B 30 10.01 3.45 37.62
CA THR B 30 9.49 4.12 38.81
C THR B 30 10.47 5.10 39.47
N ASP B 31 11.74 5.04 39.08
CA ASP B 31 12.74 5.97 39.62
C ASP B 31 12.65 7.36 38.99
N TYR B 32 11.98 7.46 37.84
CA TYR B 32 12.02 8.68 37.04
C TYR B 32 10.70 9.46 36.95
N TYR B 33 10.80 10.79 37.09
CA TYR B 33 9.75 11.68 36.63
C TYR B 33 9.66 11.44 35.13
N MET B 34 8.49 11.65 34.56
CA MET B 34 8.30 11.55 33.12
C MET B 34 7.56 12.78 32.61
N SER B 35 8.04 13.38 31.53
CA SER B 35 7.44 14.60 30.98
C SER B 35 6.85 14.38 29.58
N TRP B 36 5.86 15.20 29.25
CA TRP B 36 5.39 15.30 27.86
C TRP B 36 5.73 16.68 27.31
N VAL B 37 6.13 16.71 26.04
CA VAL B 37 6.45 17.94 25.34
C VAL B 37 5.77 17.87 23.98
N ARG B 38 5.33 19.00 23.45
CA ARG B 38 4.75 19.00 22.11
C ARG B 38 5.37 20.09 21.26
N GLN B 39 5.17 19.99 19.95
CA GLN B 39 5.77 20.94 19.03
C GLN B 39 4.92 21.06 17.77
N PRO B 40 4.20 22.19 17.65
CA PRO B 40 3.44 22.44 16.42
C PRO B 40 4.42 22.49 15.26
N PRO B 41 3.97 22.12 14.05
CA PRO B 41 4.84 22.12 12.88
C PRO B 41 5.56 23.46 12.75
N GLY B 42 6.89 23.43 12.68
CA GLY B 42 7.68 24.62 12.47
C GLY B 42 7.78 25.55 13.67
N LYS B 43 7.28 25.12 14.82
CA LYS B 43 7.28 25.97 16.01
C LYS B 43 8.17 25.45 17.14
N ALA B 44 8.12 26.13 18.28
CA ALA B 44 9.00 25.79 19.40
C ALA B 44 8.45 24.63 20.22
N LEU B 45 9.35 23.95 20.92
CA LEU B 45 8.96 22.93 21.88
C LEU B 45 8.16 23.58 23.01
N GLU B 46 7.14 22.86 23.51
CA GLU B 46 6.35 23.33 24.63
C GLU B 46 6.18 22.22 25.68
N TRP B 47 6.64 22.47 26.89
CA TRP B 47 6.46 21.53 27.98
C TRP B 47 5.00 21.52 28.43
N LEU B 48 4.41 20.34 28.55
CA LEU B 48 2.99 20.22 28.88
C LEU B 48 2.76 19.87 30.35
N GLY B 49 3.60 18.99 30.88
CA GLY B 49 3.46 18.56 32.26
C GLY B 49 4.32 17.35 32.56
N PHE B 50 4.39 16.99 33.84
CA PHE B 50 5.06 15.74 34.20
C PHE B 50 4.31 14.96 35.28
N ILE B 51 4.74 13.74 35.49
CA ILE B 51 4.32 12.95 36.62
C ILE B 51 5.59 12.53 37.37
N ARG B 52 5.58 12.70 38.68
CA ARG B 52 6.78 12.46 39.49
C ARG B 52 7.03 10.98 39.71
N ASN B 53 8.18 10.66 40.31
CA ASN B 53 8.53 9.26 40.57
C ASN B 53 7.80 8.70 41.78
N LYS B 54 8.02 7.41 42.04
CA LYS B 54 7.41 6.73 43.18
C LYS B 54 7.77 7.41 44.50
N ALA B 55 9.03 7.79 44.67
CA ALA B 55 9.45 8.40 45.93
C ALA B 55 8.64 9.66 46.24
N LYS B 56 8.16 10.33 45.19
CA LYS B 56 7.40 11.57 45.36
C LYS B 56 5.89 11.37 45.30
N GLY B 57 5.46 10.12 45.12
CA GLY B 57 4.05 9.79 45.15
C GLY B 57 3.34 9.93 43.81
N TYR B 58 4.11 9.91 42.73
CA TYR B 58 3.54 9.96 41.38
C TYR B 58 2.58 11.14 41.20
N THR B 59 2.91 12.28 41.80
CA THR B 59 2.06 13.46 41.66
C THR B 59 2.25 14.12 40.30
N THR B 60 1.19 14.78 39.83
CA THR B 60 1.19 15.40 38.51
C THR B 60 1.26 16.91 38.58
N GLU B 61 1.86 17.52 37.56
CA GLU B 61 1.84 18.98 37.37
C GLU B 61 1.71 19.29 35.89
N TYR B 62 1.13 20.44 35.56
CA TYR B 62 0.91 20.83 34.17
C TYR B 62 1.17 22.30 33.92
N SER B 63 1.49 22.63 32.67
CA SER B 63 1.64 24.03 32.27
C SER B 63 0.27 24.70 32.26
N ALA B 64 0.26 26.02 32.37
CA ALA B 64 -0.98 26.78 32.34
C ALA B 64 -1.77 26.53 31.05
N SER B 65 -1.05 26.42 29.94
CA SER B 65 -1.68 26.30 28.64
C SER B 65 -2.61 25.11 28.51
N VAL B 66 -2.35 24.05 29.26
CA VAL B 66 -3.15 22.83 29.12
C VAL B 66 -3.84 22.39 30.41
N LYS B 67 -3.61 23.13 31.50
CA LYS B 67 -4.27 22.85 32.77
C LYS B 67 -5.77 22.64 32.56
N GLY B 68 -6.28 21.50 33.04
CA GLY B 68 -7.69 21.22 32.98
C GLY B 68 -8.16 20.69 31.64
N ARG B 69 -7.20 20.46 30.73
CA ARG B 69 -7.55 19.90 29.43
C ARG B 69 -6.71 18.67 29.10
N PHE B 70 -5.46 18.67 29.55
CA PHE B 70 -4.57 17.52 29.37
C PHE B 70 -4.26 16.87 30.71
N THR B 71 -4.23 15.54 30.72
CA THR B 71 -4.00 14.76 31.93
C THR B 71 -2.94 13.68 31.70
N ILE B 72 -2.12 13.43 32.72
CA ILE B 72 -1.02 12.47 32.63
C ILE B 72 -1.15 11.37 33.68
N SER B 73 -0.82 10.14 33.30
CA SER B 73 -0.83 9.01 34.24
C SER B 73 0.22 8.00 33.79
N ARG B 74 0.46 7.00 34.62
CA ARG B 74 1.50 6.01 34.31
C ARG B 74 1.12 4.63 34.82
N ASP B 75 1.35 3.62 33.99
CA ASP B 75 1.20 2.24 34.41
C ASP B 75 2.56 1.70 34.87
N ASN B 76 2.76 1.64 36.18
CA ASN B 76 4.05 1.27 36.73
C ASN B 76 4.38 -0.22 36.61
N SER B 77 3.38 -1.02 36.25
CA SER B 77 3.59 -2.46 36.07
C SER B 77 4.08 -2.78 34.66
N GLN B 78 3.63 -1.99 33.68
CA GLN B 78 4.06 -2.17 32.30
C GLN B 78 5.08 -1.12 31.87
N SER B 79 5.39 -0.19 32.77
CA SER B 79 6.31 0.89 32.47
C SER B 79 5.82 1.69 31.26
N ILE B 80 4.56 2.09 31.30
CA ILE B 80 3.97 2.88 30.22
C ILE B 80 3.46 4.21 30.74
N LEU B 81 3.82 5.29 30.06
CA LEU B 81 3.34 6.63 30.38
C LEU B 81 2.20 7.00 29.43
N TYR B 82 1.22 7.75 29.93
CA TYR B 82 0.07 8.14 29.12
C TYR B 82 -0.14 9.65 29.10
N LEU B 83 -0.77 10.15 28.04
CA LEU B 83 -1.24 11.52 27.97
C LEU B 83 -2.69 11.54 27.51
N GLN B 84 -3.58 12.01 28.38
CA GLN B 84 -5.00 12.10 28.05
C GLN B 84 -5.34 13.50 27.57
N MET B 85 -5.77 13.62 26.32
CA MET B 85 -6.07 14.92 25.73
C MET B 85 -7.56 15.07 25.49
N ASN B 86 -8.12 16.19 25.93
CA ASN B 86 -9.56 16.42 25.85
C ASN B 86 -9.91 17.66 25.06
N THR B 87 -11.08 17.64 24.41
CA THR B 87 -11.59 18.81 23.71
C THR B 87 -10.51 19.43 22.83
N LEU B 88 -9.99 18.64 21.90
CA LEU B 88 -8.87 19.08 21.06
C LEU B 88 -9.30 20.10 20.02
N ARG B 89 -8.43 21.06 19.75
CA ARG B 89 -8.65 22.00 18.66
C ARG B 89 -7.46 21.99 17.71
N ALA B 90 -7.60 22.68 16.59
CA ALA B 90 -6.56 22.73 15.56
C ALA B 90 -5.23 23.19 16.14
N GLU B 91 -5.28 24.10 17.11
CA GLU B 91 -4.06 24.58 17.77
C GLU B 91 -3.29 23.48 18.47
N ASP B 92 -3.97 22.37 18.79
CA ASP B 92 -3.29 21.25 19.44
C ASP B 92 -2.55 20.36 18.44
N SER B 93 -2.69 20.65 17.15
CA SER B 93 -1.97 19.89 16.13
C SER B 93 -0.46 20.05 16.33
N ALA B 94 0.23 18.93 16.55
CA ALA B 94 1.63 18.98 16.93
C ALA B 94 2.24 17.59 17.03
N THR B 95 3.56 17.54 17.08
CA THR B 95 4.26 16.31 17.42
C THR B 95 4.40 16.23 18.95
N TYR B 96 3.94 15.13 19.52
CA TYR B 96 4.00 14.92 20.96
C TYR B 96 5.09 13.94 21.36
N TYR B 97 6.05 14.42 22.15
CA TYR B 97 7.15 13.61 22.63
C TYR B 97 6.97 13.28 24.09
N CYS B 98 7.36 12.07 24.49
CA CYS B 98 7.56 11.82 25.91
C CYS B 98 9.06 11.85 26.16
N ALA B 99 9.45 12.24 27.36
CA ALA B 99 10.86 12.34 27.69
C ALA B 99 11.10 11.87 29.11
N ARG B 100 12.17 11.11 29.31
CA ARG B 100 12.54 10.73 30.66
C ARG B 100 13.07 11.97 31.36
N ASP B 101 12.52 12.25 32.52
CA ASP B 101 12.87 13.43 33.31
C ASP B 101 13.84 13.00 34.42
N ILE B 102 13.86 13.73 35.53
CA ILE B 102 14.84 13.50 36.59
C ILE B 102 14.57 12.28 37.48
N SER B 103 15.64 11.71 38.02
CA SER B 103 15.53 10.71 39.09
C SER B 103 16.35 11.20 40.28
N PRO B 104 15.73 12.05 41.11
CA PRO B 104 16.42 12.73 42.22
C PRO B 104 16.47 11.91 43.50
N SER B 105 15.87 10.73 43.50
CA SER B 105 15.71 9.96 44.73
C SER B 105 16.58 8.71 44.78
N TYR B 106 17.09 8.29 43.62
CA TYR B 106 18.00 7.15 43.56
C TYR B 106 18.90 7.23 42.34
N GLY B 107 20.19 6.98 42.54
CA GLY B 107 21.13 6.92 41.44
C GLY B 107 21.57 8.28 40.93
N VAL B 108 21.88 8.34 39.63
CA VAL B 108 22.41 9.55 39.02
C VAL B 108 21.33 10.61 38.84
N TYR B 109 21.52 11.76 39.49
CA TYR B 109 20.59 12.86 39.38
C TYR B 109 21.24 14.08 38.71
N TYR B 110 20.71 14.45 37.56
CA TYR B 110 21.04 15.75 36.98
C TYR B 110 19.83 16.31 36.26
N GLU B 111 19.74 17.63 36.20
CA GLU B 111 18.58 18.29 35.62
C GLU B 111 18.65 18.32 34.10
N GLY B 112 17.91 17.43 33.45
CA GLY B 112 17.82 17.40 32.00
C GLY B 112 17.01 16.22 31.50
N PHE B 113 16.51 16.32 30.27
CA PHE B 113 15.82 15.18 29.65
C PHE B 113 16.84 14.37 28.86
N ALA B 114 17.30 13.29 29.47
CA ALA B 114 18.39 12.50 28.89
C ALA B 114 17.94 11.73 27.65
N TYR B 115 16.67 11.32 27.66
CA TYR B 115 16.13 10.51 26.55
C TYR B 115 14.74 10.99 26.13
N TRP B 116 14.50 10.92 24.83
CA TRP B 116 13.24 11.34 24.23
C TRP B 116 12.73 10.23 23.31
N GLY B 117 11.41 10.16 23.14
CA GLY B 117 10.85 9.28 22.14
C GLY B 117 11.05 9.86 20.75
N GLN B 118 10.59 9.15 19.73
CA GLN B 118 10.71 9.63 18.36
C GLN B 118 9.63 10.67 18.06
N GLY B 119 8.61 10.71 18.91
CA GLY B 119 7.49 11.64 18.74
C GLY B 119 6.37 11.06 17.90
N THR B 120 5.14 11.51 18.15
CA THR B 120 3.98 11.08 17.35
C THR B 120 3.14 12.29 16.93
N LEU B 121 2.79 12.35 15.66
CA LEU B 121 2.08 13.53 15.14
C LEU B 121 0.56 13.47 15.28
N VAL B 122 0.00 14.44 15.99
CA VAL B 122 -1.45 14.56 16.10
C VAL B 122 -1.90 15.75 15.27
N THR B 123 -2.85 15.52 14.38
CA THR B 123 -3.46 16.65 13.70
C THR B 123 -4.97 16.70 13.90
N VAL B 124 -5.44 17.87 14.31
CA VAL B 124 -6.83 18.04 14.65
C VAL B 124 -7.53 18.70 13.47
N SER B 125 -8.35 17.91 12.78
CA SER B 125 -9.01 18.38 11.56
C SER B 125 -10.27 17.61 11.26
N ALA B 126 -11.26 18.31 10.71
CA ALA B 126 -12.55 17.69 10.37
C ALA B 126 -12.46 16.89 9.07
N ALA B 127 -11.27 16.84 8.48
CA ALA B 127 -11.09 16.25 7.15
C ALA B 127 -11.01 14.73 7.12
N THR B 128 -10.56 14.19 5.99
CA THR B 128 -10.58 12.76 5.73
C THR B 128 -9.19 12.13 5.65
N THR B 129 -8.98 11.05 6.38
CA THR B 129 -7.74 10.29 6.29
C THR B 129 -7.65 9.65 4.90
N THR B 130 -6.60 9.97 4.17
CA THR B 130 -6.41 9.41 2.84
C THR B 130 -4.95 9.06 2.53
N ALA B 131 -4.71 7.80 2.22
CA ALA B 131 -3.38 7.32 1.90
C ALA B 131 -2.88 7.96 0.62
N PRO B 132 -1.55 8.14 0.50
CA PRO B 132 -0.98 8.83 -0.66
C PRO B 132 -0.98 7.96 -1.92
N SER B 133 -0.87 8.61 -3.07
CA SER B 133 -0.54 7.92 -4.30
C SER B 133 0.94 8.19 -4.57
N VAL B 134 1.65 7.19 -5.05
CA VAL B 134 3.09 7.33 -5.32
C VAL B 134 3.41 7.17 -6.79
N TYR B 135 4.02 8.19 -7.38
CA TYR B 135 4.37 8.14 -8.80
C TYR B 135 5.89 8.22 -9.01
N PRO B 136 6.40 7.43 -9.96
CA PRO B 136 7.85 7.47 -10.24
C PRO B 136 8.25 8.75 -10.94
N LEU B 137 9.46 9.22 -10.64
CA LEU B 137 10.07 10.33 -11.36
C LEU B 137 11.27 9.78 -12.13
N VAL B 138 11.11 9.62 -13.44
CA VAL B 138 12.18 9.10 -14.28
C VAL B 138 12.41 10.00 -15.49
N PRO B 139 13.69 10.20 -15.86
CA PRO B 139 14.09 11.05 -16.98
C PRO B 139 13.34 10.73 -18.27
N GLY B 140 13.24 11.70 -19.17
CA GLY B 140 12.53 11.53 -20.42
C GLY B 140 13.25 10.65 -21.42
N GLY B 146 24.37 10.76 -18.48
CA GLY B 146 25.78 10.82 -18.17
C GLY B 146 26.23 9.74 -17.21
N SER B 147 27.21 10.06 -16.37
CA SER B 147 27.75 9.10 -15.42
C SER B 147 26.84 8.93 -14.19
N SER B 148 25.88 9.83 -14.03
CA SER B 148 24.93 9.74 -12.92
C SER B 148 23.50 9.96 -13.38
N VAL B 149 22.54 9.38 -12.67
CA VAL B 149 21.14 9.58 -12.96
C VAL B 149 20.37 9.91 -11.68
N THR B 150 19.46 10.87 -11.78
CA THR B 150 18.63 11.26 -10.65
C THR B 150 17.21 10.73 -10.84
N LEU B 151 16.74 9.93 -9.89
CA LEU B 151 15.39 9.39 -9.91
C LEU B 151 14.63 9.85 -8.67
N GLY B 152 13.37 9.50 -8.57
CA GLY B 152 12.62 9.78 -7.36
C GLY B 152 11.17 9.34 -7.38
N CYS B 153 10.46 9.63 -6.30
CA CYS B 153 9.01 9.43 -6.28
C CYS B 153 8.24 10.70 -5.89
N LEU B 154 7.17 10.96 -6.63
CA LEU B 154 6.27 12.05 -6.34
C LEU B 154 5.12 11.50 -5.51
N VAL B 155 4.93 12.07 -4.32
CA VAL B 155 3.91 11.60 -3.39
C VAL B 155 2.81 12.65 -3.29
N LYS B 156 1.58 12.30 -3.68
CA LYS B 156 0.49 13.28 -3.65
C LYS B 156 -0.80 12.76 -3.00
N GLY B 157 -1.67 13.70 -2.66
CA GLY B 157 -3.04 13.40 -2.24
C GLY B 157 -3.22 12.69 -0.91
N TYR B 158 -2.28 12.87 0.01
CA TYR B 158 -2.42 12.25 1.32
C TYR B 158 -2.88 13.22 2.42
N PHE B 159 -3.45 12.66 3.48
CA PHE B 159 -3.85 13.43 4.64
C PHE B 159 -4.21 12.47 5.77
N PRO B 160 -3.75 12.78 6.99
CA PRO B 160 -2.92 13.94 7.31
C PRO B 160 -1.44 13.62 7.18
N GLU B 161 -0.58 14.53 7.65
CA GLU B 161 0.84 14.28 7.74
C GLU B 161 1.12 13.21 8.81
N PRO B 162 2.30 12.58 8.75
CA PRO B 162 3.29 12.78 7.70
C PRO B 162 3.42 11.54 6.83
N VAL B 163 4.35 11.60 5.87
CA VAL B 163 4.81 10.40 5.20
C VAL B 163 6.31 10.38 5.30
N THR B 164 6.89 9.17 5.34
CA THR B 164 8.32 9.05 5.26
C THR B 164 8.68 8.25 4.03
N VAL B 165 9.79 8.63 3.39
CA VAL B 165 10.24 7.92 2.21
C VAL B 165 11.63 7.34 2.43
N LYS B 166 11.76 6.05 2.16
CA LYS B 166 13.05 5.38 2.18
C LYS B 166 13.34 4.80 0.81
N TRP B 167 14.62 4.56 0.54
CA TRP B 167 15.03 3.98 -0.74
C TRP B 167 15.72 2.64 -0.54
N ASN B 168 15.35 1.67 -1.38
CA ASN B 168 15.82 0.30 -1.24
C ASN B 168 15.71 -0.20 0.20
N TYR B 169 14.57 0.07 0.82
CA TYR B 169 14.31 -0.37 2.19
C TYR B 169 15.33 0.15 3.19
N GLY B 170 15.90 1.32 2.90
CA GLY B 170 16.85 1.94 3.80
C GLY B 170 18.30 1.71 3.44
N ALA B 171 18.54 0.86 2.45
CA ALA B 171 19.90 0.53 2.04
C ALA B 171 20.51 1.61 1.14
N LEU B 172 19.66 2.38 0.47
CA LEU B 172 20.09 3.50 -0.37
C LEU B 172 19.86 4.80 0.38
N SER B 173 20.92 5.36 0.93
CA SER B 173 20.81 6.54 1.79
C SER B 173 21.61 7.75 1.30
N SER B 174 22.64 7.50 0.49
CA SER B 174 23.47 8.59 -0.02
C SER B 174 22.82 9.27 -1.22
N GLY B 175 22.93 10.61 -1.27
CA GLY B 175 22.41 11.39 -2.37
C GLY B 175 20.89 11.52 -2.39
N VAL B 176 20.27 11.40 -1.22
CA VAL B 176 18.83 11.49 -1.09
C VAL B 176 18.38 12.90 -0.70
N ARG B 177 17.40 13.42 -1.44
CA ARG B 177 16.85 14.75 -1.16
C ARG B 177 15.35 14.66 -1.05
N THR B 178 14.80 15.07 0.09
CA THR B 178 13.36 15.04 0.27
C THR B 178 12.84 16.43 0.60
N VAL B 179 12.08 17.01 -0.33
CA VAL B 179 11.57 18.37 -0.14
C VAL B 179 10.43 18.40 0.87
N SER B 180 10.27 19.53 1.54
CA SER B 180 9.20 19.69 2.51
C SER B 180 7.84 19.50 1.84
N SER B 181 6.85 19.07 2.62
CA SER B 181 5.50 18.89 2.10
C SER B 181 4.86 20.23 1.79
N VAL B 182 3.88 20.22 0.89
CA VAL B 182 3.07 21.41 0.64
C VAL B 182 1.60 21.05 0.76
N LEU B 183 0.82 21.98 1.31
CA LEU B 183 -0.61 21.78 1.44
C LEU B 183 -1.33 22.57 0.35
N GLN B 184 -2.14 21.85 -0.43
CA GLN B 184 -2.96 22.50 -1.45
C GLN B 184 -4.29 21.80 -1.59
N SER B 185 -5.37 22.56 -1.46
CA SER B 185 -6.71 22.01 -1.59
C SER B 185 -6.96 20.83 -0.65
N GLY B 186 -6.46 20.94 0.58
CA GLY B 186 -6.74 19.96 1.61
C GLY B 186 -5.89 18.70 1.56
N PHE B 187 -4.96 18.63 0.62
CA PHE B 187 -4.09 17.46 0.52
C PHE B 187 -2.61 17.84 0.51
N TYR B 188 -1.79 16.93 1.03
CA TYR B 188 -0.35 17.14 1.08
C TYR B 188 0.32 16.42 -0.09
N SER B 189 1.50 16.91 -0.45
CA SER B 189 2.34 16.26 -1.43
C SER B 189 3.80 16.59 -1.15
N LEU B 190 4.69 15.69 -1.53
CA LEU B 190 6.11 15.99 -1.53
C LEU B 190 6.80 15.13 -2.57
N SER B 191 8.07 15.39 -2.80
CA SER B 191 8.82 14.54 -3.72
C SER B 191 10.16 14.17 -3.09
N SER B 192 10.58 12.93 -3.30
CA SER B 192 11.86 12.49 -2.79
C SER B 192 12.70 12.01 -3.96
N LEU B 193 13.94 12.47 -4.02
CA LEU B 193 14.81 12.09 -5.12
C LEU B 193 16.14 11.52 -4.63
N VAL B 194 16.76 10.73 -5.50
CA VAL B 194 18.05 10.13 -5.17
C VAL B 194 18.91 10.13 -6.43
N THR B 195 20.19 10.43 -6.26
CA THR B 195 21.12 10.42 -7.38
C THR B 195 22.07 9.23 -7.24
N VAL B 196 22.15 8.42 -8.28
CA VAL B 196 23.02 7.24 -8.26
C VAL B 196 23.82 7.15 -9.56
N PRO B 197 24.91 6.36 -9.55
CA PRO B 197 25.71 6.19 -10.76
C PRO B 197 24.89 5.46 -11.82
N SER B 198 25.02 5.88 -13.07
CA SER B 198 24.23 5.29 -14.15
C SER B 198 24.49 3.80 -14.31
N SER B 199 25.61 3.32 -13.77
CA SER B 199 25.95 1.91 -13.83
C SER B 199 25.14 1.08 -12.84
N THR B 200 24.36 1.76 -12.00
CA THR B 200 23.55 1.10 -10.99
C THR B 200 22.09 0.98 -11.41
N TRP B 201 21.68 1.84 -12.33
CA TRP B 201 20.30 1.84 -12.79
C TRP B 201 20.25 2.16 -14.28
N PRO B 202 19.44 1.41 -15.04
CA PRO B 202 18.47 0.43 -14.56
C PRO B 202 19.05 -0.97 -14.35
N SER B 203 20.36 -1.12 -14.52
CA SER B 203 20.99 -2.44 -14.42
C SER B 203 20.69 -3.11 -13.08
N GLN B 204 20.36 -2.30 -12.08
CA GLN B 204 20.02 -2.82 -10.75
C GLN B 204 18.74 -2.16 -10.23
N THR B 205 18.23 -2.66 -9.11
CA THR B 205 16.92 -2.26 -8.61
C THR B 205 16.95 -0.99 -7.76
N VAL B 206 16.05 -0.07 -8.08
CA VAL B 206 15.83 1.11 -7.24
C VAL B 206 14.34 1.19 -6.90
N ILE B 207 14.06 1.23 -5.60
CA ILE B 207 12.69 1.24 -5.10
C ILE B 207 12.53 2.28 -4.01
N CYS B 208 11.42 3.01 -4.02
CA CYS B 208 11.09 3.90 -2.91
C CYS B 208 9.96 3.30 -2.07
N ASN B 209 10.12 3.36 -0.75
CA ASN B 209 9.11 2.89 0.18
C ASN B 209 8.47 4.10 0.84
N VAL B 210 7.17 4.27 0.62
CA VAL B 210 6.48 5.45 1.15
C VAL B 210 5.53 5.05 2.27
N ALA B 211 5.85 5.44 3.50
CA ALA B 211 5.04 5.09 4.65
C ALA B 211 4.15 6.24 5.11
N HIS B 212 2.89 5.92 5.39
CA HIS B 212 1.89 6.89 5.84
C HIS B 212 1.24 6.38 7.11
N PRO B 213 1.82 6.71 8.27
CA PRO B 213 1.42 6.18 9.58
C PRO B 213 -0.08 6.30 9.86
N ALA B 214 -0.67 7.46 9.55
CA ALA B 214 -2.08 7.71 9.88
C ALA B 214 -3.05 6.71 9.26
N SER B 215 -2.67 6.13 8.13
CA SER B 215 -3.53 5.14 7.47
C SER B 215 -2.93 3.74 7.57
N LYS B 216 -1.84 3.61 8.30
CA LYS B 216 -1.21 2.31 8.50
C LYS B 216 -0.78 1.71 7.17
N THR B 217 -0.42 2.58 6.23
CA THR B 217 -0.13 2.15 4.87
C THR B 217 1.35 2.33 4.48
N GLU B 218 1.86 1.38 3.73
CA GLU B 218 3.14 1.52 3.03
C GLU B 218 2.92 1.24 1.55
N LEU B 219 3.47 2.08 0.70
CA LEU B 219 3.41 1.85 -0.73
C LEU B 219 4.83 1.65 -1.27
N ILE B 220 5.00 0.68 -2.14
CA ILE B 220 6.29 0.52 -2.79
C ILE B 220 6.16 0.92 -4.25
N LYS B 221 7.20 1.56 -4.77
CA LYS B 221 7.23 1.92 -6.17
C LYS B 221 8.60 1.59 -6.74
N ARG B 222 8.68 0.52 -7.52
CA ARG B 222 9.92 0.21 -8.21
C ARG B 222 10.11 1.17 -9.37
N ILE B 223 11.31 1.73 -9.48
CA ILE B 223 11.61 2.70 -10.53
C ILE B 223 12.02 2.02 -11.82
N GLU B 224 11.19 2.14 -12.85
CA GLU B 224 11.43 1.47 -14.13
C GLU B 224 11.72 2.46 -15.25
N PRO B 225 12.58 2.05 -16.21
CA PRO B 225 12.89 2.85 -17.38
C PRO B 225 11.67 3.06 -18.25
N ARG B 226 11.60 4.18 -18.97
CA ARG B 226 10.49 4.41 -19.90
C ARG B 226 10.61 3.52 -21.13
N ILE C 2 -17.99 -27.30 -35.25
CA ILE C 2 -18.51 -28.39 -34.44
C ILE C 2 -19.00 -27.90 -33.08
N VAL C 3 -20.24 -28.25 -32.74
CA VAL C 3 -20.83 -27.87 -31.46
C VAL C 3 -20.55 -28.90 -30.36
N MET C 4 -20.08 -28.42 -29.21
CA MET C 4 -19.79 -29.28 -28.08
C MET C 4 -20.73 -28.99 -26.94
N THR C 5 -21.24 -30.05 -26.31
CA THR C 5 -22.19 -29.87 -25.22
C THR C 5 -21.89 -30.80 -24.05
N GLN C 6 -21.93 -30.24 -22.84
CA GLN C 6 -21.58 -31.01 -21.64
C GLN C 6 -22.74 -31.09 -20.65
N SER C 7 -22.73 -32.16 -19.86
CA SER C 7 -23.81 -32.43 -18.94
C SER C 7 -23.33 -33.29 -17.77
N PRO C 8 -23.82 -32.99 -16.55
CA PRO C 8 -24.69 -31.86 -16.24
C PRO C 8 -23.91 -30.57 -16.14
N SER C 9 -24.59 -29.44 -15.94
CA SER C 9 -23.90 -28.16 -15.81
C SER C 9 -23.11 -28.09 -14.50
N SER C 10 -23.65 -28.73 -13.47
CA SER C 10 -22.91 -28.89 -12.22
C SER C 10 -23.46 -30.06 -11.40
N LEU C 11 -22.67 -30.52 -10.45
CA LEU C 11 -23.07 -31.64 -9.61
C LEU C 11 -22.17 -31.72 -8.39
N ALA C 12 -22.66 -32.33 -7.32
CA ALA C 12 -21.88 -32.50 -6.11
C ALA C 12 -21.88 -33.95 -5.65
N VAL C 13 -20.70 -34.45 -5.30
CA VAL C 13 -20.60 -35.78 -4.73
C VAL C 13 -19.62 -35.76 -3.56
N SER C 14 -19.79 -36.69 -2.63
CA SER C 14 -18.93 -36.77 -1.47
C SER C 14 -17.62 -37.44 -1.84
N ALA C 15 -16.56 -37.09 -1.11
CA ALA C 15 -15.25 -37.67 -1.32
C ALA C 15 -15.34 -39.19 -1.23
N GLY C 16 -14.60 -39.88 -2.10
CA GLY C 16 -14.59 -41.32 -2.10
C GLY C 16 -15.59 -41.90 -3.08
N GLU C 17 -16.56 -41.09 -3.48
CA GLU C 17 -17.59 -41.55 -4.40
C GLU C 17 -17.16 -41.37 -5.85
N LYS C 18 -17.77 -42.15 -6.74
CA LYS C 18 -17.49 -42.08 -8.17
C LYS C 18 -18.25 -40.90 -8.75
N VAL C 19 -17.75 -40.36 -9.86
CA VAL C 19 -18.46 -39.28 -10.54
C VAL C 19 -18.30 -39.36 -12.05
N THR C 20 -19.33 -38.94 -12.77
CA THR C 20 -19.39 -39.08 -14.22
C THR C 20 -19.94 -37.82 -14.89
N MET C 21 -19.36 -37.45 -16.02
CA MET C 21 -19.84 -36.32 -16.81
C MET C 21 -19.90 -36.68 -18.29
N SER C 22 -20.83 -36.06 -19.00
CA SER C 22 -21.00 -36.32 -20.41
C SER C 22 -20.48 -35.17 -21.28
N CYS C 23 -19.96 -35.52 -22.44
CA CYS C 23 -19.62 -34.54 -23.46
C CYS C 23 -20.08 -35.05 -24.82
N LYS C 24 -20.87 -34.25 -25.52
CA LYS C 24 -21.36 -34.63 -26.84
C LYS C 24 -20.96 -33.63 -27.92
N SER C 25 -20.61 -34.16 -29.10
CA SER C 25 -20.23 -33.33 -30.24
C SER C 25 -21.27 -33.45 -31.34
N SER C 26 -21.44 -32.38 -32.11
CA SER C 26 -22.44 -32.37 -33.18
C SER C 26 -21.99 -33.18 -34.39
N GLN C 27 -20.70 -33.50 -34.43
CA GLN C 27 -20.13 -34.32 -35.49
C GLN C 27 -19.14 -35.31 -34.89
N SER C 28 -18.86 -36.39 -35.61
CA SER C 28 -17.87 -37.37 -35.17
C SER C 28 -16.51 -36.71 -34.97
N LEU C 29 -15.84 -37.06 -33.87
CA LEU C 29 -14.49 -36.54 -33.60
C LEU C 29 -13.43 -37.54 -34.04
N LEU C 30 -13.88 -38.59 -34.73
CA LEU C 30 -12.99 -39.64 -35.18
C LEU C 30 -12.11 -39.14 -36.32
N ASN C 31 -10.80 -39.23 -36.13
CA ASN C 31 -9.86 -38.92 -37.20
C ASN C 31 -9.53 -40.21 -37.95
N SER C 32 -10.01 -40.31 -39.18
CA SER C 32 -9.89 -41.54 -39.96
C SER C 32 -8.44 -41.98 -40.17
N ARG C 33 -7.56 -41.02 -40.41
CA ARG C 33 -6.16 -41.34 -40.65
C ARG C 33 -5.53 -42.08 -39.47
N THR C 34 -5.77 -41.58 -38.26
CA THR C 34 -5.15 -42.18 -37.08
C THR C 34 -6.06 -43.19 -36.36
N ARG C 35 -7.34 -43.20 -36.71
CA ARG C 35 -8.34 -44.03 -36.04
C ARG C 35 -8.54 -43.63 -34.58
N LYS C 36 -8.23 -42.38 -34.25
CA LYS C 36 -8.40 -41.90 -32.89
C LYS C 36 -9.45 -40.80 -32.82
N ASN C 37 -10.17 -40.74 -31.70
CA ASN C 37 -11.12 -39.66 -31.47
C ASN C 37 -10.41 -38.46 -30.83
N TYR C 38 -10.43 -37.34 -31.53
CA TYR C 38 -9.75 -36.14 -31.06
C TYR C 38 -10.59 -35.37 -30.06
N LEU C 39 -10.74 -35.94 -28.86
CA LEU C 39 -11.45 -35.28 -27.77
C LEU C 39 -10.58 -35.27 -26.52
N ALA C 40 -10.42 -34.09 -25.94
CA ALA C 40 -9.63 -33.96 -24.71
C ALA C 40 -10.46 -33.44 -23.55
N TRP C 41 -10.03 -33.76 -22.34
CA TRP C 41 -10.62 -33.23 -21.11
C TRP C 41 -9.61 -32.37 -20.34
N TYR C 42 -10.04 -31.18 -19.93
CA TYR C 42 -9.22 -30.27 -19.14
C TYR C 42 -9.86 -29.97 -17.79
N GLN C 43 -9.04 -29.91 -16.75
CA GLN C 43 -9.50 -29.56 -15.42
C GLN C 43 -9.12 -28.10 -15.13
N GLN C 44 -10.08 -27.30 -14.70
CA GLN C 44 -9.75 -25.95 -14.27
C GLN C 44 -10.23 -25.67 -12.85
N LYS C 45 -9.28 -25.56 -11.92
CA LYS C 45 -9.59 -25.24 -10.55
C LYS C 45 -9.71 -23.74 -10.38
N PRO C 46 -10.46 -23.29 -9.36
CA PRO C 46 -10.72 -21.85 -9.22
C PRO C 46 -9.42 -21.05 -9.15
N GLY C 47 -9.35 -19.97 -9.93
CA GLY C 47 -8.18 -19.12 -9.94
C GLY C 47 -7.00 -19.69 -10.69
N GLN C 48 -7.17 -20.87 -11.29
CA GLN C 48 -6.06 -21.52 -11.98
C GLN C 48 -6.31 -21.67 -13.47
N SER C 49 -5.23 -21.88 -14.23
CA SER C 49 -5.33 -22.16 -15.65
C SER C 49 -5.76 -23.61 -15.85
N PRO C 50 -6.33 -23.93 -17.03
CA PRO C 50 -6.78 -25.29 -17.31
C PRO C 50 -5.59 -26.25 -17.36
N LYS C 51 -5.84 -27.51 -17.01
CA LYS C 51 -4.80 -28.53 -17.06
C LYS C 51 -5.32 -29.76 -17.81
N LEU C 52 -4.54 -30.24 -18.77
CA LEU C 52 -4.91 -31.40 -19.56
C LEU C 52 -4.92 -32.68 -18.72
N LEU C 53 -6.05 -33.37 -18.71
CA LEU C 53 -6.19 -34.63 -17.99
C LEU C 53 -6.14 -35.83 -18.93
N ILE C 54 -6.95 -35.78 -19.98
CA ILE C 54 -7.15 -36.88 -20.91
C ILE C 54 -7.12 -36.39 -22.36
N TYR C 55 -6.46 -37.16 -23.24
CA TYR C 55 -6.50 -36.89 -24.67
C TYR C 55 -6.79 -38.17 -25.47
N TRP C 56 -7.06 -38.03 -26.76
CA TRP C 56 -7.49 -39.16 -27.59
C TRP C 56 -8.65 -39.92 -26.93
N ALA C 57 -9.51 -39.17 -26.25
CA ALA C 57 -10.68 -39.72 -25.57
C ALA C 57 -10.37 -40.47 -24.26
N SER C 58 -9.35 -41.32 -24.27
CA SER C 58 -9.14 -42.23 -23.14
C SER C 58 -7.69 -42.34 -22.67
N THR C 59 -6.79 -41.58 -23.26
CA THR C 59 -5.39 -41.61 -22.81
C THR C 59 -5.12 -40.57 -21.74
N ARG C 60 -4.63 -41.03 -20.61
CA ARG C 60 -4.31 -40.17 -19.48
C ARG C 60 -3.00 -39.42 -19.74
N GLU C 61 -2.98 -38.13 -19.44
CA GLU C 61 -1.77 -37.33 -19.64
C GLU C 61 -0.78 -37.55 -18.49
N SER C 62 0.50 -37.33 -18.77
CA SER C 62 1.55 -37.50 -17.77
C SER C 62 1.23 -36.77 -16.48
N GLY C 63 1.42 -37.45 -15.35
CA GLY C 63 1.27 -36.81 -14.05
C GLY C 63 -0.16 -36.80 -13.54
N VAL C 64 -1.11 -37.08 -14.42
CA VAL C 64 -2.51 -37.16 -14.03
C VAL C 64 -2.77 -38.45 -13.25
N PRO C 65 -3.37 -38.33 -12.06
CA PRO C 65 -3.63 -39.46 -11.17
C PRO C 65 -4.55 -40.51 -11.82
N ASP C 66 -4.45 -41.75 -11.36
CA ASP C 66 -5.19 -42.88 -11.92
C ASP C 66 -6.71 -42.70 -11.89
N ARG C 67 -7.19 -42.03 -10.85
CA ARG C 67 -8.62 -41.81 -10.63
C ARG C 67 -9.33 -41.30 -11.87
N PHE C 68 -8.65 -40.46 -12.66
CA PHE C 68 -9.25 -39.87 -13.83
C PHE C 68 -9.16 -40.81 -15.02
N THR C 69 -10.30 -41.08 -15.64
CA THR C 69 -10.34 -41.88 -16.85
C THR C 69 -11.37 -41.34 -17.82
N GLY C 70 -11.13 -41.55 -19.11
CA GLY C 70 -12.07 -41.12 -20.13
C GLY C 70 -12.47 -42.27 -21.03
N SER C 71 -13.67 -42.18 -21.58
CA SER C 71 -14.18 -43.16 -22.53
C SER C 71 -15.14 -42.51 -23.50
N GLY C 72 -15.50 -43.24 -24.54
CA GLY C 72 -16.44 -42.74 -25.52
C GLY C 72 -15.87 -42.80 -26.92
N SER C 73 -16.74 -42.62 -27.91
CA SER C 73 -16.38 -42.72 -29.31
C SER C 73 -17.37 -41.92 -30.13
N GLY C 74 -16.98 -41.54 -31.35
CA GLY C 74 -17.88 -40.84 -32.26
C GLY C 74 -18.31 -39.48 -31.78
N THR C 75 -19.45 -39.40 -31.11
CA THR C 75 -19.98 -38.13 -30.65
C THR C 75 -20.38 -38.15 -29.17
N ASP C 76 -20.15 -39.28 -28.50
CA ASP C 76 -20.49 -39.41 -27.08
C ASP C 76 -19.26 -39.77 -26.25
N PHE C 77 -19.00 -38.97 -25.21
CA PHE C 77 -17.80 -39.17 -24.40
C PHE C 77 -18.08 -38.92 -22.92
N THR C 78 -17.33 -39.60 -22.07
CA THR C 78 -17.51 -39.49 -20.63
C THR C 78 -16.19 -39.30 -19.90
N LEU C 79 -16.22 -38.47 -18.86
CA LEU C 79 -15.09 -38.35 -17.93
C LEU C 79 -15.49 -38.99 -16.61
N THR C 80 -14.67 -39.91 -16.12
CA THR C 80 -14.94 -40.60 -14.87
C THR C 80 -13.83 -40.38 -13.84
N ILE C 81 -14.22 -39.90 -12.66
CA ILE C 81 -13.31 -39.92 -11.52
C ILE C 81 -13.78 -41.04 -10.59
N SER C 82 -13.01 -42.12 -10.51
CA SER C 82 -13.46 -43.33 -9.83
C SER C 82 -13.57 -43.20 -8.31
N SER C 83 -12.89 -42.21 -7.74
CA SER C 83 -12.96 -41.98 -6.30
C SER C 83 -12.53 -40.55 -5.97
N VAL C 84 -13.50 -39.64 -5.98
CA VAL C 84 -13.22 -38.21 -5.91
C VAL C 84 -12.50 -37.78 -4.62
N GLN C 85 -11.61 -36.81 -4.78
CA GLN C 85 -10.89 -36.22 -3.66
C GLN C 85 -11.38 -34.79 -3.42
N ALA C 86 -11.13 -34.28 -2.22
CA ALA C 86 -11.53 -32.94 -1.87
C ALA C 86 -10.86 -31.90 -2.77
N GLU C 87 -9.67 -32.23 -3.28
CA GLU C 87 -8.92 -31.31 -4.14
C GLU C 87 -9.44 -31.27 -5.58
N ASP C 88 -10.46 -32.06 -5.88
CA ASP C 88 -10.96 -32.18 -7.25
C ASP C 88 -12.01 -31.12 -7.61
N LEU C 89 -12.31 -30.24 -6.65
CA LEU C 89 -13.09 -29.03 -6.93
C LEU C 89 -12.58 -28.41 -8.21
N ALA C 90 -13.45 -28.28 -9.22
CA ALA C 90 -13.05 -27.65 -10.47
C ALA C 90 -14.18 -27.62 -11.50
N VAL C 91 -13.95 -26.88 -12.57
CA VAL C 91 -14.78 -26.96 -13.75
C VAL C 91 -14.03 -27.84 -14.76
N TYR C 92 -14.72 -28.85 -15.30
CA TYR C 92 -14.11 -29.76 -16.26
C TYR C 92 -14.61 -29.48 -17.66
N TYR C 93 -13.68 -29.30 -18.60
CA TYR C 93 -14.04 -28.99 -19.98
C TYR C 93 -13.61 -30.10 -20.92
N CYS C 94 -14.47 -30.43 -21.88
CA CYS C 94 -14.04 -31.27 -22.99
C CYS C 94 -13.75 -30.39 -24.19
N LYS C 95 -12.96 -30.90 -25.12
CA LYS C 95 -12.51 -30.11 -26.26
C LYS C 95 -12.26 -31.00 -27.47
N GLN C 96 -12.95 -30.73 -28.57
CA GLN C 96 -12.66 -31.45 -29.81
C GLN C 96 -11.52 -30.77 -30.54
N SER C 97 -10.71 -31.56 -31.24
CA SER C 97 -9.66 -31.02 -32.10
C SER C 97 -9.60 -31.72 -33.45
N ASN C 98 -10.71 -32.34 -33.85
CA ASN C 98 -10.79 -32.99 -35.16
C ASN C 98 -10.89 -31.96 -36.28
N ASN C 99 -11.44 -30.80 -35.96
CA ASN C 99 -11.62 -29.72 -36.92
C ASN C 99 -11.39 -28.40 -36.20
N LEU C 100 -10.18 -27.85 -36.33
CA LEU C 100 -9.73 -26.77 -35.46
C LEU C 100 -9.98 -27.22 -34.02
N ARG C 101 -10.41 -26.33 -33.14
CA ARG C 101 -10.73 -26.72 -31.76
C ARG C 101 -12.00 -26.04 -31.25
N THR C 102 -12.77 -26.76 -30.44
CA THR C 102 -13.96 -26.22 -29.77
C THR C 102 -14.08 -26.78 -28.37
N PHE C 103 -14.26 -25.90 -27.39
CA PHE C 103 -14.46 -26.34 -26.01
C PHE C 103 -15.95 -26.51 -25.69
N GLY C 104 -16.26 -27.43 -24.80
CA GLY C 104 -17.61 -27.57 -24.27
C GLY C 104 -17.89 -26.51 -23.23
N GLY C 105 -19.14 -26.44 -22.77
CA GLY C 105 -19.55 -25.42 -21.82
C GLY C 105 -19.05 -25.64 -20.41
N GLY C 106 -18.54 -26.83 -20.13
CA GLY C 106 -17.96 -27.12 -18.83
C GLY C 106 -18.94 -27.71 -17.84
N THR C 107 -18.42 -28.56 -16.96
CA THR C 107 -19.21 -29.12 -15.87
C THR C 107 -18.56 -28.74 -14.55
N LYS C 108 -19.32 -28.13 -13.67
CA LYS C 108 -18.78 -27.72 -12.37
C LYS C 108 -18.93 -28.81 -11.33
N LEU C 109 -17.81 -29.37 -10.90
CA LEU C 109 -17.83 -30.38 -9.85
C LEU C 109 -17.59 -29.77 -8.49
N GLU C 110 -18.57 -29.97 -7.59
CA GLU C 110 -18.46 -29.52 -6.20
C GLU C 110 -18.41 -30.74 -5.28
N ILE C 111 -17.83 -30.57 -4.11
CA ILE C 111 -17.73 -31.67 -3.16
C ILE C 111 -18.77 -31.58 -2.05
N LYS C 112 -19.47 -32.70 -1.82
CA LYS C 112 -20.38 -32.82 -0.68
C LYS C 112 -19.60 -33.19 0.57
N ARG C 113 -20.04 -32.66 1.71
CA ARG C 113 -19.49 -33.03 3.00
C ARG C 113 -20.57 -32.91 4.06
N ALA C 114 -20.30 -33.39 5.26
CA ALA C 114 -21.28 -33.29 6.34
C ALA C 114 -21.65 -31.83 6.56
N ASP C 115 -22.93 -31.58 6.82
CA ASP C 115 -23.37 -30.22 7.11
C ASP C 115 -22.54 -29.63 8.25
N ALA C 116 -22.22 -28.34 8.15
CA ALA C 116 -21.43 -27.68 9.18
C ALA C 116 -21.82 -26.22 9.37
N ALA C 117 -22.10 -25.85 10.61
CA ALA C 117 -22.51 -24.48 10.92
C ALA C 117 -21.35 -23.50 10.75
N PRO C 118 -21.68 -22.25 10.37
CA PRO C 118 -20.67 -21.20 10.16
C PRO C 118 -20.19 -20.58 11.47
N THR C 119 -18.99 -20.01 11.45
CA THR C 119 -18.53 -19.17 12.54
C THR C 119 -18.75 -17.72 12.12
N VAL C 120 -19.53 -16.98 12.89
CA VAL C 120 -19.91 -15.63 12.50
C VAL C 120 -19.12 -14.55 13.22
N SER C 121 -18.66 -13.57 12.46
CA SER C 121 -17.99 -12.40 13.02
C SER C 121 -18.64 -11.14 12.47
N ILE C 122 -18.69 -10.09 13.27
CA ILE C 122 -19.22 -8.81 12.79
C ILE C 122 -18.16 -7.72 12.93
N PHE C 123 -18.00 -6.92 11.88
CA PHE C 123 -16.97 -5.89 11.86
C PHE C 123 -17.59 -4.49 11.72
N PRO C 124 -17.60 -3.71 12.81
CA PRO C 124 -18.00 -2.31 12.69
C PRO C 124 -17.08 -1.60 11.70
N PRO C 125 -17.55 -0.50 11.11
CA PRO C 125 -16.73 0.27 10.15
C PRO C 125 -15.44 0.75 10.84
N SER C 126 -14.37 0.89 10.08
CA SER C 126 -13.11 1.40 10.63
C SER C 126 -13.24 2.91 10.87
N SER C 127 -12.52 3.42 11.86
CA SER C 127 -12.49 4.86 12.09
C SER C 127 -11.98 5.56 10.83
N GLU C 128 -11.04 4.93 10.14
CA GLU C 128 -10.52 5.44 8.87
C GLU C 128 -11.63 5.78 7.90
N GLN C 129 -12.51 4.81 7.64
CA GLN C 129 -13.53 4.97 6.62
C GLN C 129 -14.57 6.02 7.01
N LEU C 130 -15.01 5.98 8.25
CA LEU C 130 -16.00 6.93 8.76
C LEU C 130 -15.53 8.35 8.48
N THR C 131 -14.22 8.53 8.66
CA THR C 131 -13.53 9.77 8.32
C THR C 131 -13.87 10.28 6.92
N SER C 132 -14.27 9.37 6.03
CA SER C 132 -14.51 9.71 4.63
C SER C 132 -15.98 9.84 4.21
N GLY C 133 -16.89 9.78 5.19
CA GLY C 133 -18.30 9.90 4.89
C GLY C 133 -18.95 8.60 4.44
N GLY C 134 -18.18 7.52 4.46
CA GLY C 134 -18.71 6.20 4.15
C GLY C 134 -18.66 5.28 5.34
N ALA C 135 -19.49 4.24 5.32
CA ALA C 135 -19.54 3.26 6.40
C ALA C 135 -19.96 1.88 5.90
N SER C 136 -19.03 0.92 5.97
CA SER C 136 -19.31 -0.44 5.56
C SER C 136 -19.30 -1.35 6.78
N VAL C 137 -20.40 -2.06 6.99
CA VAL C 137 -20.52 -2.99 8.10
C VAL C 137 -20.48 -4.41 7.58
N VAL C 138 -19.52 -5.19 8.07
CA VAL C 138 -19.29 -6.51 7.48
C VAL C 138 -19.60 -7.67 8.42
N CYS C 139 -20.45 -8.57 7.94
CA CYS C 139 -20.77 -9.80 8.65
C CYS C 139 -20.10 -10.96 7.92
N PHE C 140 -19.23 -11.69 8.61
CA PHE C 140 -18.46 -12.75 7.98
C PHE C 140 -18.84 -14.13 8.51
N LEU C 141 -19.21 -15.03 7.60
CA LEU C 141 -19.64 -16.38 7.95
C LEU C 141 -18.58 -17.38 7.49
N ASN C 142 -17.85 -17.94 8.44
CA ASN C 142 -16.67 -18.75 8.13
C ASN C 142 -16.91 -20.25 8.16
N ASN C 143 -16.53 -20.93 7.07
CA ASN C 143 -16.43 -22.38 7.04
C ASN C 143 -17.70 -23.17 7.32
N PHE C 144 -18.68 -23.04 6.44
CA PHE C 144 -19.96 -23.72 6.60
C PHE C 144 -20.30 -24.58 5.37
N TYR C 145 -21.26 -25.48 5.53
CA TYR C 145 -21.78 -26.28 4.43
C TYR C 145 -23.18 -26.76 4.77
N PRO C 146 -24.09 -26.79 3.78
CA PRO C 146 -23.94 -26.44 2.35
C PRO C 146 -23.72 -24.95 2.08
N LYS C 147 -23.61 -24.61 0.81
CA LYS C 147 -23.27 -23.25 0.38
C LYS C 147 -24.39 -22.26 0.67
N ASP C 148 -25.62 -22.69 0.46
CA ASP C 148 -26.78 -21.81 0.65
C ASP C 148 -26.90 -21.40 2.11
N ILE C 149 -26.99 -20.09 2.33
CA ILE C 149 -27.07 -19.54 3.67
C ILE C 149 -27.74 -18.17 3.62
N ASN C 150 -28.44 -17.80 4.69
CA ASN C 150 -29.16 -16.54 4.71
C ASN C 150 -28.59 -15.55 5.73
N VAL C 151 -28.61 -14.27 5.39
CA VAL C 151 -28.20 -13.23 6.31
C VAL C 151 -29.28 -12.16 6.42
N LYS C 152 -29.71 -11.88 7.65
CA LYS C 152 -30.67 -10.83 7.89
C LYS C 152 -30.02 -9.71 8.71
N TRP C 153 -30.22 -8.47 8.29
CA TRP C 153 -29.65 -7.33 9.00
C TRP C 153 -30.70 -6.58 9.82
N LYS C 154 -30.32 -6.17 11.01
CA LYS C 154 -31.22 -5.39 11.86
C LYS C 154 -30.52 -4.15 12.41
N ILE C 155 -31.13 -3.00 12.17
CA ILE C 155 -30.64 -1.74 12.71
C ILE C 155 -31.64 -1.26 13.76
N ASP C 156 -31.23 -1.33 15.03
CA ASP C 156 -32.11 -0.94 16.13
C ASP C 156 -33.35 -1.84 16.19
N GLY C 157 -33.18 -3.11 15.87
CA GLY C 157 -34.27 -4.07 15.93
C GLY C 157 -35.11 -4.12 14.66
N SER C 158 -34.96 -3.11 13.80
CA SER C 158 -35.68 -3.09 12.53
C SER C 158 -34.87 -3.74 11.41
N GLU C 159 -35.51 -4.66 10.70
CA GLU C 159 -34.92 -5.36 9.58
C GLU C 159 -34.56 -4.38 8.47
N ARG C 160 -33.29 -4.41 8.04
CA ARG C 160 -32.82 -3.52 6.99
C ARG C 160 -32.41 -4.33 5.76
N GLN C 161 -33.01 -4.03 4.61
CA GLN C 161 -32.74 -4.82 3.41
C GLN C 161 -31.90 -4.09 2.36
N ASN C 162 -32.12 -2.79 2.21
CA ASN C 162 -31.36 -2.01 1.24
C ASN C 162 -29.88 -1.88 1.62
N GLY C 163 -29.02 -1.84 0.62
CA GLY C 163 -27.59 -1.62 0.83
C GLY C 163 -26.79 -2.84 1.22
N VAL C 164 -27.38 -4.02 1.10
CA VAL C 164 -26.68 -5.26 1.46
C VAL C 164 -26.19 -6.03 0.23
N LEU C 165 -24.96 -6.50 0.30
CA LEU C 165 -24.41 -7.34 -0.77
C LEU C 165 -23.69 -8.55 -0.19
N ASN C 166 -24.01 -9.72 -0.73
CA ASN C 166 -23.41 -10.98 -0.29
C ASN C 166 -22.40 -11.49 -1.30
N SER C 167 -21.35 -12.12 -0.80
CA SER C 167 -20.34 -12.69 -1.68
C SER C 167 -19.68 -13.90 -1.03
N TRP C 168 -19.52 -14.96 -1.81
CA TRP C 168 -18.95 -16.21 -1.32
C TRP C 168 -17.51 -16.38 -1.75
N THR C 169 -16.78 -17.21 -1.00
CA THR C 169 -15.47 -17.67 -1.41
C THR C 169 -15.65 -18.90 -2.30
N ASP C 170 -14.56 -19.40 -2.86
CA ASP C 170 -14.58 -20.69 -3.52
C ASP C 170 -14.60 -21.75 -2.43
N GLN C 171 -15.18 -22.90 -2.72
CA GLN C 171 -15.18 -23.99 -1.76
C GLN C 171 -13.75 -24.36 -1.40
N ASP C 172 -13.49 -24.61 -0.11
CA ASP C 172 -12.13 -24.91 0.33
C ASP C 172 -11.66 -26.24 -0.22
N SER C 173 -10.41 -26.28 -0.66
CA SER C 173 -9.85 -27.41 -1.39
C SER C 173 -9.53 -28.60 -0.48
N LYS C 174 -9.51 -28.37 0.83
CA LYS C 174 -9.10 -29.40 1.75
C LYS C 174 -10.23 -29.92 2.66
N ASP C 175 -11.09 -29.02 3.14
CA ASP C 175 -12.19 -29.45 4.02
C ASP C 175 -13.58 -29.15 3.47
N SER C 176 -13.65 -28.70 2.22
CA SER C 176 -14.91 -28.60 1.48
C SER C 176 -15.93 -27.61 2.02
N THR C 177 -15.48 -26.68 2.86
CA THR C 177 -16.36 -25.65 3.39
C THR C 177 -16.43 -24.41 2.50
N TYR C 178 -17.40 -23.55 2.77
CA TYR C 178 -17.51 -22.25 2.13
C TYR C 178 -17.42 -21.16 3.19
N SER C 179 -17.11 -19.95 2.75
CA SER C 179 -17.25 -18.77 3.60
C SER C 179 -17.90 -17.67 2.78
N MET C 180 -18.47 -16.69 3.44
CA MET C 180 -19.14 -15.61 2.72
C MET C 180 -19.18 -14.36 3.57
N SER C 181 -19.27 -13.22 2.93
CA SER C 181 -19.41 -11.97 3.65
C SER C 181 -20.70 -11.32 3.22
N SER C 182 -21.37 -10.72 4.20
CA SER C 182 -22.54 -9.91 3.93
C SER C 182 -22.17 -8.49 4.35
N THR C 183 -22.13 -7.59 3.37
CA THR C 183 -21.71 -6.22 3.64
C THR C 183 -22.87 -5.24 3.56
N LEU C 184 -23.04 -4.46 4.63
CA LEU C 184 -24.04 -3.39 4.65
C LEU C 184 -23.35 -2.05 4.44
N THR C 185 -23.61 -1.42 3.31
CA THR C 185 -22.95 -0.16 2.98
C THR C 185 -23.85 1.04 3.22
N LEU C 186 -23.41 1.93 4.10
CA LEU C 186 -24.17 3.12 4.47
C LEU C 186 -23.31 4.39 4.37
N THR C 187 -23.97 5.55 4.39
CA THR C 187 -23.25 6.81 4.54
C THR C 187 -22.90 6.98 6.02
N LYS C 188 -21.92 7.82 6.30
CA LYS C 188 -21.58 8.12 7.69
C LYS C 188 -22.82 8.66 8.40
N ASP C 189 -23.51 9.60 7.76
CA ASP C 189 -24.75 10.17 8.29
C ASP C 189 -25.74 9.08 8.71
N GLU C 190 -26.11 8.23 7.76
CA GLU C 190 -27.03 7.13 8.05
C GLU C 190 -26.53 6.29 9.21
N TYR C 191 -25.29 5.85 9.14
CA TYR C 191 -24.70 5.02 10.18
C TYR C 191 -24.82 5.65 11.57
N GLU C 192 -24.73 6.97 11.62
CA GLU C 192 -24.76 7.69 12.89
C GLU C 192 -26.17 7.96 13.41
N ARG C 193 -27.18 7.67 12.59
CA ARG C 193 -28.56 7.86 13.01
C ARG C 193 -29.02 6.75 13.96
N HIS C 194 -28.24 5.68 14.04
CA HIS C 194 -28.66 4.50 14.81
C HIS C 194 -27.56 3.90 15.67
N ASN C 195 -27.94 3.00 16.57
CA ASN C 195 -27.00 2.42 17.53
C ASN C 195 -26.70 0.94 17.33
N SER C 196 -27.74 0.12 17.36
CA SER C 196 -27.58 -1.33 17.35
C SER C 196 -27.47 -1.89 15.93
N TYR C 197 -26.41 -2.66 15.69
CA TYR C 197 -26.20 -3.28 14.38
C TYR C 197 -26.05 -4.78 14.54
N THR C 198 -26.91 -5.53 13.86
CA THR C 198 -27.00 -6.97 14.05
C THR C 198 -27.16 -7.71 12.73
N CYS C 199 -26.46 -8.83 12.62
CA CYS C 199 -26.67 -9.72 11.48
C CYS C 199 -27.02 -11.10 12.00
N GLU C 200 -27.99 -11.74 11.35
CA GLU C 200 -28.42 -13.07 11.76
C GLU C 200 -28.18 -14.04 10.62
N ALA C 201 -27.43 -15.11 10.91
CA ALA C 201 -27.12 -16.13 9.91
C ALA C 201 -28.05 -17.30 10.08
N THR C 202 -28.83 -17.59 9.04
CA THR C 202 -29.70 -18.76 9.05
C THR C 202 -29.18 -19.85 8.10
N HIS C 203 -28.81 -20.97 8.70
CA HIS C 203 -28.26 -22.11 7.96
C HIS C 203 -29.03 -23.37 8.37
N LYS C 204 -29.19 -24.31 7.44
CA LYS C 204 -29.97 -25.51 7.72
C LYS C 204 -29.42 -26.34 8.88
N THR C 205 -28.23 -25.99 9.36
CA THR C 205 -27.63 -26.68 10.50
C THR C 205 -28.29 -26.29 11.82
N SER C 206 -29.35 -25.49 11.76
CA SER C 206 -30.06 -25.07 12.96
C SER C 206 -31.32 -24.26 12.65
N THR C 207 -32.35 -24.45 13.47
CA THR C 207 -33.56 -23.64 13.39
C THR C 207 -33.29 -22.27 13.98
N SER C 208 -32.38 -22.22 14.93
CA SER C 208 -31.99 -20.96 15.56
C SER C 208 -30.88 -20.28 14.76
N PRO C 209 -31.14 -19.05 14.30
CA PRO C 209 -30.14 -18.22 13.62
C PRO C 209 -28.97 -17.91 14.55
N ILE C 210 -27.78 -17.76 13.98
CA ILE C 210 -26.63 -17.33 14.75
C ILE C 210 -26.54 -15.80 14.70
N VAL C 211 -26.56 -15.18 15.87
CA VAL C 211 -26.68 -13.73 15.96
C VAL C 211 -25.39 -13.04 16.42
N LYS C 212 -25.04 -11.96 15.72
CA LYS C 212 -23.91 -11.12 16.10
C LYS C 212 -24.31 -9.65 16.04
N SER C 213 -24.02 -8.92 17.12
CA SER C 213 -24.42 -7.51 17.22
C SER C 213 -23.34 -6.64 17.82
N PHE C 214 -23.47 -5.33 17.63
CA PHE C 214 -22.66 -4.36 18.33
C PHE C 214 -23.42 -3.05 18.43
N ASN C 215 -23.04 -2.23 19.39
CA ASN C 215 -23.64 -0.91 19.54
C ASN C 215 -22.65 0.16 19.13
N ARG C 216 -23.07 1.05 18.25
CA ARG C 216 -22.18 2.07 17.71
C ARG C 216 -21.53 2.89 18.83
N ASN C 217 -22.32 3.24 19.83
CA ASN C 217 -21.85 4.10 20.92
C ASN C 217 -20.93 3.41 21.93
N GLU C 218 -20.60 2.15 21.66
CA GLU C 218 -19.70 1.40 22.52
C GLU C 218 -18.41 1.04 21.81
N GLU D 1 11.88 -27.32 -17.93
CA GLU D 1 10.60 -26.78 -17.44
C GLU D 1 9.95 -25.91 -18.51
N VAL D 2 8.74 -26.26 -18.92
CA VAL D 2 8.01 -25.46 -19.91
C VAL D 2 7.36 -24.24 -19.26
N MET D 3 7.54 -23.08 -19.88
CA MET D 3 6.95 -21.83 -19.37
C MET D 3 6.26 -21.03 -20.48
N LEU D 4 5.07 -20.54 -20.17
CA LEU D 4 4.29 -19.68 -21.08
C LEU D 4 3.82 -18.48 -20.28
N VAL D 5 4.13 -17.28 -20.75
CA VAL D 5 3.83 -16.07 -19.98
C VAL D 5 3.15 -14.99 -20.81
N GLU D 6 1.87 -14.74 -20.53
CA GLU D 6 1.12 -13.72 -21.26
C GLU D 6 1.38 -12.33 -20.72
N SER D 7 1.52 -11.38 -21.63
CA SER D 7 1.66 -9.96 -21.29
C SER D 7 0.76 -9.14 -22.19
N GLY D 8 0.41 -7.94 -21.74
CA GLY D 8 -0.28 -6.99 -22.58
C GLY D 8 -1.68 -6.63 -22.14
N GLY D 9 -2.18 -7.38 -21.16
CA GLY D 9 -3.54 -7.19 -20.67
C GLY D 9 -3.72 -5.90 -19.90
N GLY D 10 -4.96 -5.62 -19.54
CA GLY D 10 -5.29 -4.41 -18.79
C GLY D 10 -6.58 -3.76 -19.25
N LEU D 11 -6.68 -2.45 -19.07
CA LEU D 11 -7.88 -1.72 -19.46
C LEU D 11 -7.72 -1.16 -20.88
N VAL D 12 -8.75 -1.35 -21.71
CA VAL D 12 -8.73 -0.86 -23.08
C VAL D 12 -10.10 -0.34 -23.50
N GLN D 13 -10.11 0.84 -24.10
CA GLN D 13 -11.36 1.49 -24.48
C GLN D 13 -11.97 0.84 -25.71
N PRO D 14 -13.32 0.78 -25.77
CA PRO D 14 -14.02 0.14 -26.89
C PRO D 14 -13.57 0.72 -28.22
N GLY D 15 -13.50 -0.12 -29.26
CA GLY D 15 -13.07 0.34 -30.57
C GLY D 15 -11.57 0.33 -30.76
N ASN D 16 -10.81 0.29 -29.66
CA ASN D 16 -9.35 0.28 -29.75
C ASN D 16 -8.76 -1.09 -30.06
N SER D 17 -7.47 -1.11 -30.36
CA SER D 17 -6.76 -2.36 -30.62
C SER D 17 -5.81 -2.66 -29.48
N LEU D 18 -5.38 -3.91 -29.41
CA LEU D 18 -4.42 -4.34 -28.39
C LEU D 18 -3.69 -5.59 -28.86
N ARG D 19 -2.38 -5.61 -28.68
CA ARG D 19 -1.61 -6.81 -28.98
C ARG D 19 -1.18 -7.50 -27.68
N LEU D 20 -1.52 -8.77 -27.56
CA LEU D 20 -1.03 -9.57 -26.45
C LEU D 20 0.20 -10.33 -26.90
N SER D 21 1.10 -10.58 -25.96
CA SER D 21 2.26 -11.41 -26.27
C SER D 21 2.30 -12.61 -25.33
N CYS D 22 2.98 -13.67 -25.78
CA CYS D 22 3.13 -14.89 -25.00
C CYS D 22 4.57 -15.36 -25.10
N ALA D 23 5.35 -15.12 -24.04
CA ALA D 23 6.75 -15.53 -24.02
C ALA D 23 6.86 -17.00 -23.62
N THR D 24 7.64 -17.76 -24.39
CA THR D 24 7.76 -19.19 -24.13
C THR D 24 9.20 -19.60 -23.91
N SER D 25 9.41 -20.67 -23.14
CA SER D 25 10.73 -21.24 -22.93
C SER D 25 10.62 -22.69 -22.46
N GLY D 26 11.68 -23.46 -22.65
CA GLY D 26 11.71 -24.84 -22.19
C GLY D 26 11.29 -25.89 -23.21
N PHE D 27 11.14 -25.47 -24.47
CA PHE D 27 10.82 -26.42 -25.53
C PHE D 27 11.14 -25.81 -26.89
N THR D 28 11.17 -26.64 -27.94
CA THR D 28 11.46 -26.16 -29.28
C THR D 28 10.22 -25.49 -29.87
N PHE D 29 10.18 -24.16 -29.77
CA PHE D 29 9.03 -23.36 -30.17
C PHE D 29 8.52 -23.72 -31.56
N THR D 30 9.41 -23.75 -32.54
CA THR D 30 9.01 -23.91 -33.93
C THR D 30 8.39 -25.27 -34.24
N ASP D 31 8.63 -26.25 -33.36
CA ASP D 31 8.06 -27.57 -33.52
C ASP D 31 6.56 -27.57 -33.23
N TYR D 32 6.06 -26.49 -32.64
CA TYR D 32 4.71 -26.52 -32.08
C TYR D 32 3.70 -25.54 -32.67
N TYR D 33 2.50 -26.03 -32.96
CA TYR D 33 1.34 -25.16 -33.17
C TYR D 33 1.15 -24.41 -31.84
N MET D 34 0.68 -23.18 -31.91
CA MET D 34 0.31 -22.43 -30.70
C MET D 34 -1.12 -21.90 -30.83
N SER D 35 -1.91 -22.04 -29.76
CA SER D 35 -3.30 -21.58 -29.75
C SER D 35 -3.53 -20.46 -28.75
N TRP D 36 -4.52 -19.61 -29.04
CA TRP D 36 -5.03 -18.63 -28.09
C TRP D 36 -6.44 -19.04 -27.66
N VAL D 37 -6.71 -18.90 -26.35
CA VAL D 37 -7.99 -19.26 -25.76
C VAL D 37 -8.39 -18.16 -24.80
N ARG D 38 -9.67 -17.78 -24.80
CA ARG D 38 -10.11 -16.75 -23.86
C ARG D 38 -11.24 -17.24 -22.95
N GLN D 39 -11.44 -16.53 -21.85
CA GLN D 39 -12.45 -16.92 -20.88
C GLN D 39 -13.04 -15.70 -20.19
N PRO D 40 -14.25 -15.30 -20.58
CA PRO D 40 -14.89 -14.21 -19.84
C PRO D 40 -15.05 -14.63 -18.38
N PRO D 41 -14.92 -13.68 -17.45
CA PRO D 41 -15.07 -14.03 -16.04
C PRO D 41 -16.36 -14.83 -15.82
N GLY D 42 -16.23 -16.00 -15.20
CA GLY D 42 -17.38 -16.80 -14.86
C GLY D 42 -17.88 -17.73 -15.95
N LYS D 43 -17.30 -17.61 -17.14
CA LYS D 43 -17.83 -18.33 -18.30
C LYS D 43 -16.89 -19.43 -18.82
N ALA D 44 -17.27 -20.01 -19.94
CA ALA D 44 -16.56 -21.15 -20.54
C ALA D 44 -15.33 -20.70 -21.33
N LEU D 45 -14.39 -21.63 -21.53
CA LEU D 45 -13.24 -21.40 -22.39
C LEU D 45 -13.70 -21.34 -23.85
N GLU D 46 -13.12 -20.41 -24.61
CA GLU D 46 -13.41 -20.28 -26.04
C GLU D 46 -12.12 -20.26 -26.87
N TRP D 47 -11.95 -21.25 -27.73
CA TRP D 47 -10.81 -21.25 -28.65
C TRP D 47 -10.92 -20.13 -29.67
N LEU D 48 -9.85 -19.35 -29.85
CA LEU D 48 -9.87 -18.20 -30.77
C LEU D 48 -9.15 -18.44 -32.08
N GLY D 49 -8.12 -19.28 -32.06
CA GLY D 49 -7.35 -19.55 -33.25
C GLY D 49 -6.00 -20.15 -32.96
N PHE D 50 -5.30 -20.60 -34.00
CA PHE D 50 -3.93 -21.06 -33.82
C PHE D 50 -3.03 -20.68 -34.98
N ILE D 51 -1.74 -20.88 -34.77
CA ILE D 51 -0.76 -20.75 -35.83
C ILE D 51 0.07 -22.02 -35.80
N ARG D 52 0.23 -22.64 -36.97
CA ARG D 52 0.87 -23.95 -37.08
C ARG D 52 2.39 -23.89 -36.87
N ASN D 53 3.03 -25.06 -36.88
CA ASN D 53 4.47 -25.15 -36.67
C ASN D 53 5.24 -24.84 -37.95
N LYS D 54 6.57 -24.89 -37.85
CA LYS D 54 7.43 -24.57 -38.99
C LYS D 54 7.16 -25.49 -40.19
N ALA D 55 7.07 -26.79 -39.93
CA ALA D 55 6.91 -27.79 -40.99
C ALA D 55 5.63 -27.59 -41.79
N LYS D 56 4.60 -27.03 -41.17
CA LYS D 56 3.35 -26.77 -41.86
C LYS D 56 3.30 -25.36 -42.42
N GLY D 57 4.37 -24.61 -42.21
CA GLY D 57 4.49 -23.26 -42.75
C GLY D 57 3.84 -22.15 -41.94
N TYR D 58 3.68 -22.36 -40.63
CA TYR D 58 3.18 -21.31 -39.74
C TYR D 58 1.88 -20.66 -40.24
N THR D 59 0.99 -21.46 -40.82
CA THR D 59 -0.27 -20.93 -41.33
C THR D 59 -1.25 -20.72 -40.19
N THR D 60 -2.19 -19.80 -40.39
CA THR D 60 -3.13 -19.41 -39.35
C THR D 60 -4.56 -19.89 -39.61
N GLU D 61 -5.29 -20.09 -38.52
CA GLU D 61 -6.71 -20.42 -38.58
C GLU D 61 -7.42 -19.74 -37.40
N TYR D 62 -8.67 -19.34 -37.60
CA TYR D 62 -9.39 -18.56 -36.58
C TYR D 62 -10.81 -19.08 -36.35
N SER D 63 -11.34 -18.82 -35.16
CA SER D 63 -12.74 -19.13 -34.88
C SER D 63 -13.61 -18.12 -35.61
N ALA D 64 -14.83 -18.53 -35.94
CA ALA D 64 -15.78 -17.63 -36.60
C ALA D 64 -15.98 -16.38 -35.75
N SER D 65 -15.91 -16.54 -34.44
CA SER D 65 -16.20 -15.46 -33.50
C SER D 65 -15.20 -14.28 -33.57
N VAL D 66 -14.01 -14.54 -34.08
CA VAL D 66 -13.02 -13.46 -34.18
C VAL D 66 -12.44 -13.30 -35.58
N LYS D 67 -12.90 -14.13 -36.52
CA LYS D 67 -12.51 -14.02 -37.92
C LYS D 67 -12.51 -12.59 -38.43
N GLY D 68 -11.39 -12.17 -39.01
CA GLY D 68 -11.31 -10.86 -39.65
C GLY D 68 -11.07 -9.73 -38.68
N ARG D 69 -11.14 -10.05 -37.38
CA ARG D 69 -10.97 -9.03 -36.35
C ARG D 69 -9.69 -9.26 -35.54
N PHE D 70 -9.41 -10.52 -35.21
CA PHE D 70 -8.19 -10.88 -34.47
C PHE D 70 -7.21 -11.58 -35.39
N THR D 71 -5.92 -11.31 -35.18
CA THR D 71 -4.85 -11.92 -35.97
C THR D 71 -3.76 -12.51 -35.07
N ILE D 72 -3.12 -13.58 -35.53
CA ILE D 72 -2.07 -14.24 -34.76
C ILE D 72 -0.75 -14.24 -35.52
N SER D 73 0.34 -13.97 -34.83
CA SER D 73 1.67 -14.06 -35.43
C SER D 73 2.63 -14.63 -34.40
N ARG D 74 3.84 -14.96 -34.83
CA ARG D 74 4.83 -15.51 -33.91
C ARG D 74 6.23 -15.05 -34.29
N ASP D 75 7.03 -14.75 -33.28
CA ASP D 75 8.43 -14.41 -33.51
C ASP D 75 9.29 -15.63 -33.21
N ASN D 76 9.78 -16.27 -34.26
CA ASN D 76 10.47 -17.55 -34.11
C ASN D 76 11.93 -17.42 -33.66
N SER D 77 12.42 -16.20 -33.52
CA SER D 77 13.78 -15.99 -33.01
C SER D 77 13.76 -15.69 -31.51
N GLN D 78 12.65 -15.19 -31.01
CA GLN D 78 12.51 -14.91 -29.58
C GLN D 78 11.57 -15.92 -28.91
N SER D 79 10.96 -16.78 -29.73
CA SER D 79 10.02 -17.77 -29.22
C SER D 79 8.83 -17.11 -28.54
N ILE D 80 8.27 -16.09 -29.20
CA ILE D 80 7.15 -15.36 -28.64
C ILE D 80 5.92 -15.49 -29.53
N LEU D 81 4.76 -15.72 -28.91
CA LEU D 81 3.50 -15.78 -29.64
C LEU D 81 2.71 -14.48 -29.42
N TYR D 82 2.10 -13.97 -30.47
CA TYR D 82 1.30 -12.75 -30.37
C TYR D 82 -0.16 -12.96 -30.76
N LEU D 83 -1.03 -12.13 -30.19
CA LEU D 83 -2.42 -12.02 -30.61
C LEU D 83 -2.73 -10.54 -30.85
N GLN D 84 -3.08 -10.19 -32.08
CA GLN D 84 -3.43 -8.82 -32.42
C GLN D 84 -4.95 -8.67 -32.41
N MET D 85 -5.46 -7.88 -31.48
CA MET D 85 -6.90 -7.68 -31.36
C MET D 85 -7.28 -6.32 -31.93
N ASN D 86 -8.34 -6.28 -32.72
CA ASN D 86 -8.81 -5.02 -33.31
C ASN D 86 -10.27 -4.75 -32.99
N THR D 87 -10.64 -3.47 -32.99
CA THR D 87 -12.04 -3.09 -32.82
C THR D 87 -12.65 -3.81 -31.63
N LEU D 88 -12.03 -3.65 -30.46
CA LEU D 88 -12.44 -4.38 -29.26
C LEU D 88 -13.81 -3.96 -28.73
N ARG D 89 -14.57 -4.94 -28.25
CA ARG D 89 -15.90 -4.73 -27.69
C ARG D 89 -15.95 -5.23 -26.26
N ALA D 90 -17.00 -4.83 -25.53
CA ALA D 90 -17.18 -5.25 -24.14
C ALA D 90 -17.17 -6.78 -24.01
N GLU D 91 -17.76 -7.46 -24.98
CA GLU D 91 -17.82 -8.91 -25.00
C GLU D 91 -16.45 -9.56 -25.14
N ASP D 92 -15.45 -8.78 -25.52
CA ASP D 92 -14.08 -9.28 -25.61
C ASP D 92 -13.37 -9.22 -24.25
N SER D 93 -14.08 -8.76 -23.23
CA SER D 93 -13.52 -8.70 -21.88
C SER D 93 -13.35 -10.13 -21.35
N ALA D 94 -12.11 -10.50 -21.07
CA ALA D 94 -11.82 -11.88 -20.74
C ALA D 94 -10.37 -12.09 -20.32
N THR D 95 -10.11 -13.21 -19.67
CA THR D 95 -8.75 -13.67 -19.48
C THR D 95 -8.31 -14.37 -20.77
N TYR D 96 -7.17 -13.97 -21.30
CA TYR D 96 -6.65 -14.58 -22.51
C TYR D 96 -5.47 -15.50 -22.19
N TYR D 97 -5.56 -16.75 -22.62
CA TYR D 97 -4.48 -17.71 -22.44
C TYR D 97 -3.83 -18.05 -23.77
N CYS D 98 -2.51 -18.18 -23.76
CA CYS D 98 -1.85 -18.85 -24.86
C CYS D 98 -1.62 -20.28 -24.39
N ALA D 99 -1.62 -21.21 -25.32
CA ALA D 99 -1.45 -22.61 -24.95
C ALA D 99 -0.62 -23.28 -26.03
N ARG D 100 0.32 -24.13 -25.61
CA ARG D 100 1.10 -24.89 -26.56
C ARG D 100 0.21 -25.96 -27.15
N ASP D 101 0.10 -25.95 -28.47
CA ASP D 101 -0.79 -26.88 -29.19
C ASP D 101 0.05 -28.07 -29.63
N ILE D 102 -0.32 -28.72 -30.74
CA ILE D 102 0.33 -29.97 -31.13
C ILE D 102 1.68 -29.81 -31.82
N SER D 103 2.46 -30.89 -31.84
CA SER D 103 3.69 -30.98 -32.62
C SER D 103 3.67 -32.28 -33.41
N PRO D 104 3.01 -32.27 -34.58
CA PRO D 104 2.78 -33.47 -35.36
C PRO D 104 3.91 -33.79 -36.35
N SER D 105 4.94 -32.96 -36.38
CA SER D 105 5.96 -33.11 -37.41
C SER D 105 7.29 -33.63 -36.85
N TYR D 106 7.46 -33.54 -35.54
CA TYR D 106 8.69 -33.98 -34.91
C TYR D 106 8.47 -34.22 -33.43
N GLY D 107 9.08 -35.28 -32.91
CA GLY D 107 8.98 -35.60 -31.50
C GLY D 107 7.65 -36.22 -31.15
N VAL D 108 7.20 -35.97 -29.93
CA VAL D 108 5.98 -36.59 -29.43
C VAL D 108 4.73 -35.85 -29.91
N TYR D 109 3.90 -36.55 -30.66
CA TYR D 109 2.64 -35.98 -31.13
C TYR D 109 1.43 -36.62 -30.45
N TYR D 110 0.71 -35.81 -29.68
CA TYR D 110 -0.63 -36.17 -29.24
C TYR D 110 -1.56 -34.95 -29.25
N GLU D 111 -2.87 -35.20 -29.34
CA GLU D 111 -3.85 -34.14 -29.49
C GLU D 111 -4.32 -33.55 -28.17
N GLY D 112 -3.60 -32.55 -27.68
CA GLY D 112 -3.95 -31.88 -26.45
C GLY D 112 -3.04 -30.69 -26.18
N PHE D 113 -3.57 -29.68 -25.50
CA PHE D 113 -2.77 -28.53 -25.11
C PHE D 113 -2.03 -28.86 -23.82
N ALA D 114 -0.77 -29.27 -23.93
CA ALA D 114 -0.05 -29.79 -22.78
C ALA D 114 0.33 -28.71 -21.76
N TYR D 115 0.51 -27.48 -22.24
CA TYR D 115 0.84 -26.37 -21.34
C TYR D 115 0.04 -25.11 -21.63
N TRP D 116 -0.27 -24.39 -20.56
CA TRP D 116 -1.01 -23.14 -20.64
C TRP D 116 -0.24 -22.06 -19.89
N GLY D 117 -0.42 -20.81 -20.30
CA GLY D 117 0.09 -19.71 -19.52
C GLY D 117 -0.82 -19.43 -18.34
N GLN D 118 -0.48 -18.42 -17.56
CA GLN D 118 -1.28 -18.04 -16.40
C GLN D 118 -2.41 -17.12 -16.85
N GLY D 119 -2.30 -16.62 -18.08
CA GLY D 119 -3.32 -15.78 -18.66
C GLY D 119 -3.16 -14.33 -18.28
N THR D 120 -3.70 -13.45 -19.13
CA THR D 120 -3.68 -12.01 -18.86
C THR D 120 -5.09 -11.45 -19.03
N LEU D 121 -5.53 -10.66 -18.06
CA LEU D 121 -6.90 -10.15 -18.06
C LEU D 121 -7.06 -8.92 -18.95
N VAL D 122 -7.98 -9.01 -19.90
CA VAL D 122 -8.32 -7.90 -20.76
C VAL D 122 -9.73 -7.43 -20.41
N THR D 123 -9.86 -6.17 -20.03
CA THR D 123 -11.18 -5.60 -19.81
C THR D 123 -11.44 -4.40 -20.71
N VAL D 124 -12.54 -4.48 -21.47
CA VAL D 124 -12.88 -3.45 -22.44
C VAL D 124 -14.02 -2.59 -21.89
N SER D 125 -13.68 -1.38 -21.47
CA SER D 125 -14.64 -0.49 -20.85
C SER D 125 -14.26 0.97 -21.08
N ALA D 126 -15.26 1.83 -21.18
CA ALA D 126 -15.03 3.26 -21.37
C ALA D 126 -14.61 3.95 -20.08
N ALA D 127 -14.55 3.19 -18.99
CA ALA D 127 -14.26 3.75 -17.68
C ALA D 127 -12.79 4.12 -17.47
N THR D 128 -12.50 4.66 -16.29
CA THR D 128 -11.15 5.06 -15.92
C THR D 128 -10.57 4.09 -14.90
N THR D 129 -9.24 4.01 -14.84
CA THR D 129 -8.59 3.18 -13.83
C THR D 129 -8.54 3.90 -12.49
N THR D 130 -8.93 3.20 -11.43
CA THR D 130 -8.88 3.76 -10.08
C THR D 130 -8.29 2.75 -9.09
N ALA D 131 -7.28 3.21 -8.34
CA ALA D 131 -6.63 2.39 -7.33
C ALA D 131 -7.56 2.10 -6.15
N PRO D 132 -7.33 0.98 -5.45
CA PRO D 132 -8.22 0.63 -4.33
C PRO D 132 -7.94 1.45 -3.07
N SER D 133 -8.99 1.62 -2.26
CA SER D 133 -8.83 2.08 -0.89
C SER D 133 -8.92 0.83 -0.02
N VAL D 134 -8.11 0.77 1.03
CA VAL D 134 -8.09 -0.42 1.88
C VAL D 134 -8.34 -0.05 3.34
N TYR D 135 -9.37 -0.65 3.93
CA TYR D 135 -9.71 -0.41 5.33
C TYR D 135 -9.50 -1.69 6.11
N PRO D 136 -9.28 -1.56 7.43
CA PRO D 136 -9.08 -2.73 8.28
C PRO D 136 -10.42 -3.39 8.64
N LEU D 137 -10.39 -4.71 8.84
CA LEU D 137 -11.54 -5.41 9.41
C LEU D 137 -11.14 -5.96 10.78
N VAL D 138 -11.53 -5.26 11.82
CA VAL D 138 -11.17 -5.63 13.19
C VAL D 138 -12.37 -5.67 14.12
N PRO D 139 -12.31 -6.53 15.16
CA PRO D 139 -13.38 -6.68 16.15
C PRO D 139 -13.76 -5.37 16.82
N GLY D 140 -15.04 -5.23 17.17
CA GLY D 140 -15.56 -4.00 17.75
C GLY D 140 -15.29 -3.88 19.24
N GLY D 146 -11.56 -14.43 22.43
CA GLY D 146 -11.56 -15.82 22.03
C GLY D 146 -10.17 -16.42 21.99
N SER D 147 -10.08 -17.71 21.75
CA SER D 147 -8.79 -18.39 21.60
C SER D 147 -8.15 -18.01 20.26
N SER D 148 -8.98 -17.79 19.25
CA SER D 148 -8.52 -17.32 17.96
C SER D 148 -9.19 -15.99 17.64
N VAL D 149 -8.63 -15.27 16.67
CA VAL D 149 -9.22 -14.00 16.25
C VAL D 149 -9.23 -13.91 14.74
N THR D 150 -10.30 -13.33 14.19
CA THR D 150 -10.43 -13.19 12.75
C THR D 150 -10.34 -11.72 12.35
N LEU D 151 -9.40 -11.42 11.46
CA LEU D 151 -9.19 -10.05 10.97
C LEU D 151 -9.23 -10.07 9.46
N GLY D 152 -9.17 -8.88 8.86
CA GLY D 152 -9.09 -8.80 7.42
C GLY D 152 -8.79 -7.40 6.91
N CYS D 153 -8.77 -7.26 5.60
CA CYS D 153 -8.80 -5.94 4.97
C CYS D 153 -9.95 -5.83 3.99
N LEU D 154 -10.66 -4.71 4.08
CA LEU D 154 -11.70 -4.39 3.13
C LEU D 154 -11.09 -3.60 1.98
N VAL D 155 -11.17 -4.15 0.77
CA VAL D 155 -10.59 -3.51 -0.41
C VAL D 155 -11.72 -3.04 -1.33
N LYS D 156 -11.85 -1.73 -1.51
CA LYS D 156 -12.94 -1.23 -2.35
C LYS D 156 -12.60 -0.01 -3.22
N GLY D 157 -13.52 0.31 -4.12
CA GLY D 157 -13.41 1.49 -4.97
C GLY D 157 -12.41 1.34 -6.11
N TYR D 158 -12.12 0.12 -6.53
CA TYR D 158 -11.13 -0.08 -7.59
C TYR D 158 -11.71 -0.54 -8.93
N PHE D 159 -11.00 -0.19 -10.00
CA PHE D 159 -11.36 -0.60 -11.35
C PHE D 159 -10.14 -0.45 -12.26
N PRO D 160 -9.89 -1.45 -13.13
CA PRO D 160 -10.69 -2.66 -13.27
C PRO D 160 -10.11 -3.79 -12.44
N GLU D 161 -10.60 -5.01 -12.65
CA GLU D 161 -10.02 -6.17 -12.01
C GLU D 161 -8.62 -6.42 -12.59
N PRO D 162 -7.76 -7.12 -11.85
CA PRO D 162 -8.06 -7.69 -10.52
C PRO D 162 -7.27 -7.00 -9.43
N VAL D 163 -7.43 -7.47 -8.20
CA VAL D 163 -6.50 -7.17 -7.12
C VAL D 163 -6.13 -8.48 -6.47
N THR D 164 -4.88 -8.62 -6.05
CA THR D 164 -4.46 -9.81 -5.33
C THR D 164 -4.15 -9.44 -3.89
N VAL D 165 -4.69 -10.21 -2.96
CA VAL D 165 -4.46 -9.97 -1.54
C VAL D 165 -3.65 -11.11 -0.92
N LYS D 166 -2.57 -10.77 -0.24
CA LYS D 166 -1.77 -11.74 0.50
C LYS D 166 -1.67 -11.31 1.96
N TRP D 167 -1.18 -12.21 2.81
CA TRP D 167 -1.05 -11.91 4.21
C TRP D 167 0.37 -12.19 4.71
N ASN D 168 0.94 -11.21 5.41
CA ASN D 168 2.33 -11.30 5.83
C ASN D 168 3.25 -11.74 4.70
N TYR D 169 3.10 -11.09 3.54
CA TYR D 169 3.94 -11.35 2.38
C TYR D 169 3.80 -12.76 1.82
N GLY D 170 2.69 -13.42 2.16
CA GLY D 170 2.45 -14.78 1.72
C GLY D 170 2.83 -15.83 2.75
N ALA D 171 3.39 -15.38 3.86
CA ALA D 171 3.75 -16.29 4.95
C ALA D 171 2.48 -16.86 5.61
N LEU D 172 1.47 -16.01 5.76
CA LEU D 172 0.18 -16.44 6.29
C LEU D 172 -0.72 -16.96 5.17
N SER D 173 -0.78 -18.27 5.00
CA SER D 173 -1.59 -18.84 3.91
C SER D 173 -2.81 -19.62 4.42
N SER D 174 -2.61 -20.48 5.40
CA SER D 174 -3.71 -21.30 5.91
C SER D 174 -4.70 -20.45 6.70
N GLY D 175 -5.99 -20.61 6.40
CA GLY D 175 -7.03 -19.86 7.07
C GLY D 175 -7.34 -18.55 6.39
N VAL D 176 -6.80 -18.36 5.20
CA VAL D 176 -7.08 -17.16 4.41
C VAL D 176 -8.36 -17.34 3.60
N ARG D 177 -9.29 -16.41 3.79
CA ARG D 177 -10.56 -16.44 3.07
C ARG D 177 -10.74 -15.16 2.29
N THR D 178 -10.80 -15.26 0.97
CA THR D 178 -11.03 -14.08 0.15
C THR D 178 -12.27 -14.28 -0.71
N VAL D 179 -13.31 -13.48 -0.45
CA VAL D 179 -14.58 -13.61 -1.16
C VAL D 179 -14.43 -13.04 -2.55
N SER D 180 -15.28 -13.49 -3.47
CA SER D 180 -15.27 -12.96 -4.83
C SER D 180 -15.61 -11.48 -4.80
N SER D 181 -15.11 -10.76 -5.80
CA SER D 181 -15.36 -9.33 -5.89
C SER D 181 -16.81 -9.07 -6.28
N VAL D 182 -17.27 -7.85 -6.04
CA VAL D 182 -18.59 -7.45 -6.47
C VAL D 182 -18.50 -6.09 -7.15
N LEU D 183 -19.24 -5.94 -8.25
CA LEU D 183 -19.28 -4.69 -8.97
C LEU D 183 -20.50 -3.89 -8.55
N GLN D 184 -20.30 -2.64 -8.17
CA GLN D 184 -21.42 -1.75 -7.90
C GLN D 184 -21.08 -0.30 -8.20
N SER D 185 -21.98 0.37 -8.91
CA SER D 185 -21.81 1.78 -9.25
C SER D 185 -20.44 2.04 -9.88
N GLY D 186 -19.97 1.08 -10.67
CA GLY D 186 -18.75 1.28 -11.44
C GLY D 186 -17.46 0.84 -10.77
N PHE D 187 -17.55 0.40 -9.51
CA PHE D 187 -16.35 0.00 -8.78
C PHE D 187 -16.44 -1.39 -8.19
N TYR D 188 -15.29 -2.05 -8.08
CA TYR D 188 -15.20 -3.36 -7.45
C TYR D 188 -14.77 -3.23 -6.00
N SER D 189 -15.15 -4.23 -5.21
CA SER D 189 -14.70 -4.32 -3.84
C SER D 189 -14.74 -5.79 -3.42
N LEU D 190 -13.88 -6.14 -2.48
CA LEU D 190 -13.85 -7.49 -1.93
C LEU D 190 -13.27 -7.40 -0.54
N SER D 191 -13.35 -8.49 0.21
CA SER D 191 -12.72 -8.53 1.52
C SER D 191 -11.98 -9.85 1.71
N SER D 192 -10.80 -9.75 2.32
CA SER D 192 -9.99 -10.92 2.59
C SER D 192 -9.80 -11.05 4.10
N LEU D 193 -10.08 -12.23 4.65
CA LEU D 193 -9.94 -12.43 6.09
C LEU D 193 -9.03 -13.60 6.41
N VAL D 194 -8.42 -13.55 7.59
CA VAL D 194 -7.57 -14.62 8.07
C VAL D 194 -7.77 -14.80 9.57
N THR D 195 -7.59 -16.02 10.05
CA THR D 195 -7.73 -16.30 11.48
C THR D 195 -6.39 -16.67 12.10
N VAL D 196 -6.04 -15.98 13.19
CA VAL D 196 -4.80 -16.27 13.90
C VAL D 196 -5.09 -16.47 15.38
N PRO D 197 -4.21 -17.21 16.07
CA PRO D 197 -4.32 -17.34 17.53
C PRO D 197 -4.17 -15.96 18.16
N SER D 198 -5.05 -15.62 19.10
CA SER D 198 -5.00 -14.30 19.73
C SER D 198 -3.76 -14.11 20.62
N SER D 199 -2.91 -15.12 20.67
CA SER D 199 -1.63 -14.99 21.37
C SER D 199 -0.61 -14.38 20.41
N THR D 200 -0.97 -14.37 19.13
CA THR D 200 -0.12 -13.82 18.09
C THR D 200 -0.43 -12.35 17.86
N TRP D 201 -1.71 -11.99 17.97
CA TRP D 201 -2.18 -10.65 17.67
C TRP D 201 -2.80 -10.04 18.92
N PRO D 202 -2.39 -8.80 19.27
CA PRO D 202 -1.54 -7.91 18.50
C PRO D 202 -0.04 -8.04 18.79
N SER D 203 0.36 -9.02 19.58
CA SER D 203 1.77 -9.15 19.96
C SER D 203 2.71 -9.22 18.75
N GLN D 204 2.19 -9.75 17.64
CA GLN D 204 2.96 -9.85 16.41
C GLN D 204 2.28 -9.06 15.29
N THR D 205 3.10 -8.53 14.39
CA THR D 205 2.59 -7.74 13.28
C THR D 205 1.76 -8.58 12.32
N VAL D 206 0.60 -8.05 11.93
CA VAL D 206 -0.19 -8.65 10.87
C VAL D 206 -0.43 -7.63 9.76
N ILE D 207 -0.03 -8.00 8.55
CA ILE D 207 -0.14 -7.12 7.40
C ILE D 207 -0.85 -7.83 6.26
N CYS D 208 -1.70 -7.10 5.55
CA CYS D 208 -2.23 -7.60 4.29
C CYS D 208 -1.56 -6.89 3.11
N ASN D 209 -1.19 -7.67 2.11
CA ASN D 209 -0.57 -7.13 0.90
C ASN D 209 -1.55 -7.06 -0.25
N VAL D 210 -1.81 -5.85 -0.72
CA VAL D 210 -2.78 -5.63 -1.78
C VAL D 210 -2.09 -5.10 -3.02
N ALA D 211 -2.29 -5.78 -4.14
CA ALA D 211 -1.69 -5.41 -5.40
C ALA D 211 -2.79 -5.16 -6.41
N HIS D 212 -2.72 -4.02 -7.10
CA HIS D 212 -3.67 -3.69 -8.16
C HIS D 212 -2.88 -3.24 -9.37
N PRO D 213 -2.58 -4.19 -10.26
CA PRO D 213 -1.70 -4.01 -11.43
C PRO D 213 -2.14 -2.87 -12.33
N ALA D 214 -3.44 -2.73 -12.59
CA ALA D 214 -3.92 -1.71 -13.50
C ALA D 214 -3.48 -0.31 -13.10
N SER D 215 -3.36 -0.08 -11.80
CA SER D 215 -2.91 1.22 -11.29
C SER D 215 -1.50 1.13 -10.71
N LYS D 216 -0.83 0.01 -10.94
CA LYS D 216 0.51 -0.21 -10.41
C LYS D 216 0.56 0.07 -8.91
N THR D 217 -0.48 -0.35 -8.20
CA THR D 217 -0.52 -0.18 -6.76
C THR D 217 0.05 -1.41 -6.04
N GLU D 218 1.06 -1.18 -5.22
CA GLU D 218 1.67 -2.20 -4.37
C GLU D 218 1.64 -1.69 -2.94
N LEU D 219 0.67 -2.17 -2.17
CA LEU D 219 0.34 -1.60 -0.88
C LEU D 219 0.49 -2.61 0.26
N ILE D 220 1.03 -2.16 1.39
CA ILE D 220 1.00 -2.97 2.60
C ILE D 220 0.23 -2.25 3.70
N LYS D 221 -0.72 -2.96 4.29
CA LYS D 221 -1.61 -2.40 5.30
C LYS D 221 -1.40 -3.16 6.60
N ARG D 222 -1.08 -2.44 7.67
CA ARG D 222 -0.96 -3.10 8.97
C ARG D 222 -2.29 -3.07 9.71
N ILE D 223 -2.68 -4.22 10.25
CA ILE D 223 -3.96 -4.34 10.92
C ILE D 223 -3.79 -4.26 12.44
N GLU D 224 -4.32 -3.19 13.02
CA GLU D 224 -4.19 -2.93 14.45
C GLU D 224 -5.55 -3.00 15.13
N PRO D 225 -5.56 -3.39 16.42
CA PRO D 225 -6.80 -3.42 17.21
C PRO D 225 -7.46 -2.05 17.25
N ARG D 226 -8.79 -2.04 17.31
CA ARG D 226 -9.55 -0.80 17.39
C ARG D 226 -9.17 0.00 18.64
#